data_6G6W
#
_entry.id   6G6W
#
_cell.length_a   90.452
_cell.length_b   108.951
_cell.length_c   142.481
_cell.angle_alpha   90.000
_cell.angle_beta   90.000
_cell.angle_gamma   90.000
#
_symmetry.space_group_name_H-M   'P 21 21 21'
#
loop_
_entity.id
_entity.type
_entity.pdbx_description
1 polymer 'Phosphatidylinositol 4,5-bisphosphate 3-kinase catalytic subunit delta isoform'
2 polymer 'Phosphatidylinositol 3-kinase regulatory subunit alpha'
3 non-polymer '~{N}-[3-[4-[[(1~{S})-1-(5-methyl-4-oxidanylidene-3-phenyl-pyrrolo[2,1-f][1,2,4]triazin-2-yl)ethyl]amino]-7~{H}-pyrrolo[ 2,3-d]pyrimidin-5-yl]-5-oxidanyl-phenyl]methanesulfonamide'
4 water water
#
loop_
_entity_poly.entity_id
_entity_poly.type
_entity_poly.pdbx_seq_one_letter_code
_entity_poly.pdbx_strand_id
1 'polypeptide(L)'
;MSYYHHHHHHDYDIPTTENLYFQGAMGSMPPGVDCPMEFWTKEENQSVVVDFLLPTGVYLNFPVSRNANLSTIKQLLWHR
AQYEPLFHMLSGPEAYVFTCINQTAEQQELEDEQRRLCDVQPFLPVLRLVAREGDRVKKLINSQISLLIGKGLHEFDSLC
DPEVNDFRAKMCQFCEEAAARRQQLGWEAWLQYSFPLQLEPSAQTWGPGTLRLPNRALLVNVKFEGSEESFTFQVSTKDV
PLALMACALRKKATVFRQPLVEQPEDYTLQVNGRHEYLYGSYPLCQFQYICSCLHSGLTPHLTMVHSSSILAMRDEQSNP
APQVQKPRAKPPPIPAKKPSSVSLWSLEQPFRIELIQGSKVNADERMKLVVQAGLFHGNEMLCKTVSSSEVSVCSEPVWK
QRLEFDINICDLPRMARLCFALYAVIEKAKKARSTKKKSKKADCPIAWANLMLFDYKDQLKTGERCLYMWPSVPDEKGEL
LNPTGTVRSNPNTDSAAALLICLPEVAPHPVYYPALEKILELGRHSECVHVTEEEQLQLREILERRGSGELYEHEKDLVW
KLRHEVQEHFPEALARLLLVTKWNKHEDVAQMLYLLCSWPELPVLSALELLDFSFPDCHVGSFAIKSLRKLTDDELFQYL
LQLVQVLKYESYLDCELTKFLLDRALANRKIGHFLFWHLRSEMHVPSVALRFGLILEAYCRGSTHHMKVLMKQGEALSKL
KALNDFVKLSSQKTPKPQTKELMHLCMRQEAYLEALSHLQSPLDPSTLLAEVCVEQCTFMDSKMKPLWIMYSNEEAGSGG
SVGIIFKNGDDLRQDMLTLQMIQLMDVLWKQEGLDLRMTPYGCLPTGDRTGLIEVVLRSDTIANIQLNKSNMAATAAFNK
DALLNWLKSKNPGEALDRAIEEFTLSCAGYCVATYVLGIGDRHSDNIMIRESGQLFHIDFGHFLGNFKTKFGINRERVPF
ILTYDFVHVIQQGKTNNSEKFERFRGYCERAYTILRRHGLLFLHLFALMRAAGLPELSCSKDIQYLKDSLALGKTEEEAL
KHFRVKFNEALRESWKTKVNWLAHNVSKDNRQ
;
A
2 'polypeptide(L)'
;MYQQDQVVKEDNIEAVGKKLHEYNTQFQEKSREYDRLYEDYTRTSQEIQMKRTAIEAFNETIKIFEEQCQTQERYSKEYI
EKFKREGNETEIQRIMHNYEKLKSRISEIVDSRRRLEEDLKKQAAEYREIDKRMNSIKPDLIQLRKTRDQYLMWLTQKGV
RQKKLNEWLG
;
B
#
loop_
_chem_comp.id
_chem_comp.type
_chem_comp.name
_chem_comp.formula
EO5 non-polymer '~{N}-[3-[4-[[(1~{S})-1-(5-methyl-4-oxidanylidene-3-phenyl-pyrrolo[2,1-f][1,2,4]triazin-2-yl)ethyl]amino]-7~{H}-pyrrolo[ 2,3-d]pyrimidin-5-yl]-5-oxidanyl-phenyl]methanesulfonamide' 'C28 H26 N8 O4 S'
#
# COMPACT_ATOMS: atom_id res chain seq x y z
N ASN A 45 -3.51 -36.11 4.28
CA ASN A 45 -3.41 -37.20 3.27
C ASN A 45 -3.80 -36.69 1.88
N GLN A 46 -3.78 -37.57 0.88
CA GLN A 46 -3.87 -37.14 -0.53
C GLN A 46 -5.32 -36.88 -0.97
N SER A 47 -6.19 -37.87 -0.86
CA SER A 47 -7.59 -37.74 -1.30
C SER A 47 -8.53 -37.16 -0.22
N VAL A 48 -9.64 -36.58 -0.66
CA VAL A 48 -10.67 -35.96 0.22
C VAL A 48 -12.09 -36.32 -0.25
N VAL A 49 -12.96 -36.67 0.70
CA VAL A 49 -14.36 -36.99 0.37
C VAL A 49 -15.07 -35.69 0.06
N VAL A 50 -15.65 -35.64 -1.13
CA VAL A 50 -16.35 -34.49 -1.68
C VAL A 50 -17.85 -34.82 -1.80
N ASP A 51 -18.70 -33.87 -1.40
CA ASP A 51 -20.16 -33.97 -1.51
C ASP A 51 -20.60 -33.43 -2.84
N PHE A 52 -21.35 -34.23 -3.60
CA PHE A 52 -21.90 -33.82 -4.89
C PHE A 52 -23.43 -33.78 -4.84
N LEU A 53 -23.98 -32.62 -5.19
CA LEU A 53 -25.39 -32.39 -5.26
C LEU A 53 -25.76 -32.31 -6.73
N LEU A 54 -26.52 -33.30 -7.23
CA LEU A 54 -26.98 -33.29 -8.60
C LEU A 54 -28.30 -32.53 -8.66
N PRO A 55 -28.63 -31.97 -9.84
CA PRO A 55 -29.82 -31.11 -9.98
C PRO A 55 -31.16 -31.86 -10.01
N THR A 56 -31.12 -33.19 -9.94
CA THR A 56 -32.30 -33.98 -9.68
C THR A 56 -32.65 -34.12 -8.19
N GLY A 57 -31.84 -33.53 -7.30
CA GLY A 57 -32.00 -33.71 -5.86
C GLY A 57 -31.17 -34.86 -5.31
N VAL A 58 -30.60 -35.69 -6.18
CA VAL A 58 -29.73 -36.80 -5.75
C VAL A 58 -28.38 -36.28 -5.18
N TYR A 59 -27.78 -37.10 -4.34
CA TYR A 59 -26.65 -36.77 -3.49
C TYR A 59 -25.64 -37.89 -3.49
N LEU A 60 -24.39 -37.58 -3.86
CA LEU A 60 -23.27 -38.52 -3.80
C LEU A 60 -22.12 -37.97 -2.97
N ASN A 61 -21.43 -38.88 -2.28
CA ASN A 61 -20.32 -38.58 -1.40
C ASN A 61 -19.24 -39.64 -1.68
N PHE A 62 -18.22 -39.29 -2.47
CA PHE A 62 -17.04 -40.19 -2.66
C PHE A 62 -15.68 -39.44 -2.59
N PRO A 63 -14.58 -40.17 -2.29
CA PRO A 63 -13.24 -39.57 -2.29
C PRO A 63 -12.68 -39.28 -3.68
N VAL A 64 -12.02 -38.13 -3.81
CA VAL A 64 -11.24 -37.75 -5.00
C VAL A 64 -9.92 -37.12 -4.58
N SER A 65 -8.96 -37.01 -5.50
CA SER A 65 -7.63 -36.47 -5.12
C SER A 65 -7.62 -34.94 -5.12
N ARG A 66 -6.94 -34.35 -4.13
CA ARG A 66 -6.87 -32.88 -4.03
C ARG A 66 -6.23 -32.27 -5.28
N ASN A 67 -5.30 -33.01 -5.87
CA ASN A 67 -4.71 -32.69 -7.18
C ASN A 67 -5.70 -32.64 -8.34
N ALA A 68 -6.68 -33.53 -8.36
CA ALA A 68 -7.52 -33.71 -9.54
C ALA A 68 -8.17 -32.39 -9.92
N ASN A 69 -8.06 -32.04 -11.20
CA ASN A 69 -8.79 -30.88 -11.74
C ASN A 69 -10.26 -31.20 -11.95
N LEU A 70 -11.04 -30.14 -12.08
CA LEU A 70 -12.47 -30.25 -12.08
C LEU A 70 -12.97 -31.12 -13.22
N SER A 71 -12.43 -30.92 -14.42
CA SER A 71 -12.80 -31.76 -15.56
C SER A 71 -12.70 -33.24 -15.20
N THR A 72 -11.55 -33.66 -14.70
CA THR A 72 -11.36 -35.03 -14.21
C THR A 72 -12.41 -35.47 -13.17
N ILE A 73 -12.82 -34.55 -12.30
CA ILE A 73 -13.77 -34.85 -11.23
C ILE A 73 -15.20 -35.07 -11.78
N LYS A 74 -15.61 -34.27 -12.76
CA LYS A 74 -16.83 -34.54 -13.52
C LYS A 74 -16.88 -35.97 -14.07
N GLN A 75 -15.83 -36.41 -14.74
CA GLN A 75 -15.79 -37.78 -15.26
C GLN A 75 -16.02 -38.82 -14.16
N LEU A 76 -15.35 -38.67 -13.01
CA LEU A 76 -15.54 -39.58 -11.88
C LEU A 76 -16.95 -39.45 -11.33
N LEU A 77 -17.49 -38.22 -11.31
CA LEU A 77 -18.86 -38.00 -10.86
C LEU A 77 -19.84 -38.76 -11.75
N TRP A 78 -19.71 -38.55 -13.06
CA TRP A 78 -20.63 -39.15 -14.02
C TRP A 78 -20.56 -40.65 -14.00
N HIS A 79 -19.36 -41.17 -13.75
CA HIS A 79 -19.19 -42.61 -13.66
C HIS A 79 -19.87 -43.22 -12.43
N ARG A 80 -19.99 -42.46 -11.35
CA ARG A 80 -20.59 -42.95 -10.11
C ARG A 80 -22.08 -42.68 -10.08
N ALA A 81 -22.50 -41.57 -10.69
CA ALA A 81 -23.90 -41.14 -10.75
C ALA A 81 -24.75 -42.13 -11.54
N GLN A 82 -24.15 -42.77 -12.54
CA GLN A 82 -24.85 -43.74 -13.38
C GLN A 82 -25.45 -44.92 -12.60
N TYR A 83 -24.92 -45.20 -11.41
CA TYR A 83 -25.44 -46.25 -10.55
C TYR A 83 -26.26 -45.68 -9.37
N GLU A 84 -26.71 -44.44 -9.50
CA GLU A 84 -27.64 -43.81 -8.57
C GLU A 84 -28.95 -43.46 -9.30
N PRO A 85 -30.05 -43.25 -8.56
CA PRO A 85 -31.30 -42.94 -9.23
C PRO A 85 -31.31 -41.60 -9.96
N LEU A 86 -32.11 -41.55 -11.02
CA LEU A 86 -32.45 -40.37 -11.81
C LEU A 86 -31.37 -39.96 -12.81
N PHE A 87 -30.41 -40.86 -13.05
CA PHE A 87 -29.34 -40.57 -13.99
C PHE A 87 -29.84 -40.29 -15.40
N HIS A 88 -30.83 -41.07 -15.84
CA HIS A 88 -31.41 -40.94 -17.19
C HIS A 88 -31.96 -39.56 -17.49
N MET A 89 -32.27 -38.80 -16.45
CA MET A 89 -32.80 -37.43 -16.56
C MET A 89 -31.75 -36.33 -16.66
N LEU A 90 -30.53 -36.60 -16.19
CA LEU A 90 -29.43 -35.65 -16.33
C LEU A 90 -29.08 -35.46 -17.79
N SER A 91 -28.76 -34.23 -18.16
CA SER A 91 -28.15 -33.95 -19.46
C SER A 91 -26.68 -34.43 -19.44
N GLY A 92 -25.95 -34.17 -20.51
CA GLY A 92 -24.52 -34.48 -20.59
C GLY A 92 -23.68 -33.65 -19.60
N PRO A 93 -22.49 -34.16 -19.24
CA PRO A 93 -21.61 -33.47 -18.27
C PRO A 93 -21.28 -32.03 -18.64
N GLU A 94 -21.07 -31.78 -19.93
CA GLU A 94 -20.74 -30.44 -20.45
C GLU A 94 -21.92 -29.45 -20.41
N ALA A 95 -23.14 -29.93 -20.22
CA ALA A 95 -24.30 -29.05 -20.00
C ALA A 95 -24.25 -28.29 -18.67
N TYR A 96 -23.45 -28.78 -17.71
CA TYR A 96 -23.41 -28.26 -16.34
C TYR A 96 -22.06 -27.65 -15.93
N VAL A 97 -22.12 -26.89 -14.84
CA VAL A 97 -20.95 -26.27 -14.20
C VAL A 97 -20.97 -26.56 -12.71
N PHE A 98 -19.79 -26.87 -12.17
CA PHE A 98 -19.66 -27.00 -10.73
C PHE A 98 -19.81 -25.64 -10.10
N THR A 99 -20.33 -25.67 -8.88
CA THR A 99 -20.51 -24.50 -8.03
C THR A 99 -20.04 -24.87 -6.63
N CYS A 100 -19.41 -23.93 -5.94
CA CYS A 100 -18.87 -24.15 -4.59
C CYS A 100 -18.99 -22.87 -3.81
N ILE A 101 -18.82 -22.96 -2.49
CA ILE A 101 -18.67 -21.80 -1.64
C ILE A 101 -17.17 -21.62 -1.38
N ASN A 102 -16.59 -20.53 -1.89
CA ASN A 102 -15.13 -20.32 -1.78
C ASN A 102 -14.73 -19.70 -0.43
N GLN A 103 -13.43 -19.55 -0.21
CA GLN A 103 -12.90 -19.04 1.07
C GLN A 103 -13.46 -17.68 1.50
N THR A 104 -13.86 -16.85 0.54
CA THR A 104 -14.45 -15.56 0.86
C THR A 104 -15.96 -15.61 1.14
N ALA A 105 -16.52 -16.82 1.22
CA ALA A 105 -17.90 -17.06 1.68
C ALA A 105 -18.97 -16.87 0.59
N GLU A 106 -18.56 -16.77 -0.68
CA GLU A 106 -19.46 -16.51 -1.80
C GLU A 106 -19.55 -17.71 -2.71
N GLN A 107 -20.67 -17.80 -3.42
CA GLN A 107 -20.83 -18.82 -4.43
C GLN A 107 -19.96 -18.49 -5.62
N GLN A 108 -19.49 -19.54 -6.29
CA GLN A 108 -18.65 -19.38 -7.45
C GLN A 108 -18.92 -20.45 -8.47
N GLU A 109 -19.40 -20.03 -9.64
CA GLU A 109 -19.48 -20.92 -10.79
C GLU A 109 -18.04 -21.17 -11.33
N LEU A 110 -17.63 -22.45 -11.29
CA LEU A 110 -16.26 -22.88 -11.61
C LEU A 110 -16.08 -23.16 -13.08
N GLU A 111 -16.03 -22.10 -13.89
CA GLU A 111 -16.04 -22.24 -15.34
C GLU A 111 -14.74 -22.87 -15.89
N ASP A 112 -13.59 -22.48 -15.34
CA ASP A 112 -12.32 -23.06 -15.76
C ASP A 112 -12.20 -24.40 -15.06
N GLU A 113 -12.39 -25.47 -15.81
CA GLU A 113 -12.33 -26.82 -15.24
C GLU A 113 -10.97 -27.48 -15.39
N GLN A 114 -9.98 -26.70 -15.84
CA GLN A 114 -8.58 -27.16 -15.82
C GLN A 114 -7.92 -26.88 -14.46
N ARG A 115 -8.69 -26.35 -13.50
CA ARG A 115 -8.17 -25.98 -12.20
C ARG A 115 -8.24 -27.14 -11.22
N ARG A 116 -7.17 -27.34 -10.46
CA ARG A 116 -7.11 -28.38 -9.45
C ARG A 116 -8.02 -27.99 -8.30
N LEU A 117 -8.64 -29.00 -7.68
CA LEU A 117 -9.50 -28.79 -6.51
C LEU A 117 -8.78 -28.09 -5.36
N CYS A 118 -7.48 -28.36 -5.17
CA CYS A 118 -6.70 -27.71 -4.12
C CYS A 118 -6.54 -26.22 -4.42
N ASP A 119 -6.47 -25.87 -5.71
CA ASP A 119 -6.42 -24.46 -6.14
C ASP A 119 -7.76 -23.75 -5.90
N VAL A 120 -8.86 -24.40 -6.23
CA VAL A 120 -10.18 -23.79 -6.08
C VAL A 120 -10.46 -23.48 -4.61
N GLN A 121 -10.00 -24.40 -3.77
CA GLN A 121 -9.98 -24.20 -2.34
C GLN A 121 -11.39 -23.85 -1.85
N PRO A 122 -12.36 -24.76 -2.06
CA PRO A 122 -13.71 -24.50 -1.55
C PRO A 122 -13.69 -24.54 -0.03
N PHE A 123 -14.71 -23.97 0.58
CA PHE A 123 -14.76 -23.84 2.02
C PHE A 123 -14.91 -25.23 2.63
N LEU A 124 -16.00 -25.89 2.29
CA LEU A 124 -16.18 -27.32 2.56
C LEU A 124 -16.17 -28.01 1.22
N PRO A 125 -15.74 -29.27 1.18
CA PRO A 125 -15.60 -29.97 -0.08
C PRO A 125 -16.97 -30.39 -0.59
N VAL A 126 -17.65 -29.42 -1.21
CA VAL A 126 -19.06 -29.53 -1.59
C VAL A 126 -19.19 -28.91 -2.98
N LEU A 127 -19.71 -29.69 -3.93
CA LEU A 127 -19.89 -29.22 -5.31
C LEU A 127 -21.33 -29.48 -5.81
N ARG A 128 -21.98 -28.43 -6.32
CA ARG A 128 -23.34 -28.46 -6.87
C ARG A 128 -23.29 -28.35 -8.40
N LEU A 129 -24.01 -29.22 -9.11
CA LEU A 129 -24.20 -29.03 -10.54
C LEU A 129 -25.34 -28.06 -10.79
N VAL A 130 -25.07 -26.99 -11.51
CA VAL A 130 -26.09 -26.08 -11.97
C VAL A 130 -25.90 -25.90 -13.48
N ALA A 131 -26.81 -25.17 -14.11
CA ALA A 131 -26.81 -24.98 -15.57
C ALA A 131 -25.80 -23.92 -15.99
N ARG A 132 -25.21 -24.08 -17.18
CA ARG A 132 -24.29 -23.08 -17.75
C ARG A 132 -24.92 -21.71 -18.04
N GLU A 133 -26.14 -21.69 -18.59
CA GLU A 133 -26.75 -20.44 -19.07
C GLU A 133 -26.84 -19.32 -18.01
N GLY A 134 -26.80 -18.09 -18.49
CA GLY A 134 -26.68 -16.89 -17.67
C GLY A 134 -25.62 -15.99 -18.26
N ASP A 135 -25.61 -14.72 -17.84
CA ASP A 135 -24.51 -13.81 -18.21
C ASP A 135 -23.29 -14.19 -17.37
N ARG A 136 -22.66 -15.30 -17.75
CA ARG A 136 -21.59 -15.85 -16.93
C ARG A 136 -20.23 -15.18 -17.16
N VAL A 137 -20.18 -14.20 -18.06
CA VAL A 137 -19.05 -13.27 -18.15
C VAL A 137 -19.02 -12.36 -16.93
N LYS A 138 -20.18 -11.83 -16.54
CA LYS A 138 -20.31 -11.03 -15.31
C LYS A 138 -20.12 -11.89 -14.04
N LYS A 139 -20.62 -13.13 -14.06
CA LYS A 139 -20.46 -14.05 -12.93
C LYS A 139 -18.99 -14.39 -12.67
N LEU A 140 -18.26 -14.73 -13.73
CA LEU A 140 -16.84 -15.09 -13.66
C LEU A 140 -16.02 -13.93 -13.07
N ILE A 141 -16.12 -12.76 -13.70
CA ILE A 141 -15.37 -11.58 -13.28
C ILE A 141 -15.66 -11.29 -11.82
N ASN A 142 -16.92 -11.18 -11.45
CA ASN A 142 -17.30 -10.91 -10.05
C ASN A 142 -16.65 -11.86 -9.06
N SER A 143 -16.58 -13.14 -9.41
CA SER A 143 -15.93 -14.13 -8.56
C SER A 143 -14.42 -13.90 -8.41
N GLN A 144 -13.73 -13.79 -9.54
CA GLN A 144 -12.29 -13.59 -9.57
C GLN A 144 -11.91 -12.32 -8.80
N ILE A 145 -12.68 -11.25 -8.98
CA ILE A 145 -12.46 -10.03 -8.18
C ILE A 145 -12.44 -10.27 -6.66
N SER A 146 -13.36 -11.08 -6.15
CA SER A 146 -13.47 -11.31 -4.69
C SER A 146 -12.29 -12.08 -4.21
N LEU A 147 -11.87 -13.06 -4.98
CA LEU A 147 -10.67 -13.84 -4.65
C LEU A 147 -9.38 -12.97 -4.71
N LEU A 148 -9.37 -11.99 -5.59
CA LEU A 148 -8.20 -11.27 -5.97
C LEU A 148 -7.91 -10.18 -4.98
N ILE A 149 -8.94 -9.40 -4.64
CA ILE A 149 -8.79 -8.30 -3.71
C ILE A 149 -8.83 -8.72 -2.22
N GLY A 150 -9.07 -10.00 -1.94
CA GLY A 150 -9.08 -10.50 -0.56
C GLY A 150 -10.46 -10.46 0.07
N LYS A 151 -11.14 -9.32 -0.03
CA LYS A 151 -12.52 -9.12 0.45
C LYS A 151 -13.58 -9.61 -0.57
N GLY A 152 -14.61 -10.31 -0.09
CA GLY A 152 -15.76 -10.72 -0.92
C GLY A 152 -16.76 -9.59 -1.20
N LEU A 153 -17.22 -9.48 -2.45
CA LEU A 153 -18.03 -8.33 -2.87
C LEU A 153 -19.33 -8.22 -2.08
N HIS A 154 -19.87 -9.37 -1.69
CA HIS A 154 -21.04 -9.47 -0.82
C HIS A 154 -20.89 -8.66 0.43
N GLU A 155 -19.67 -8.60 0.97
CA GLU A 155 -19.38 -7.79 2.15
C GLU A 155 -19.72 -6.34 1.91
N PHE A 156 -19.58 -5.88 0.66
CA PHE A 156 -20.03 -4.52 0.31
C PHE A 156 -21.57 -4.42 0.27
N ASP A 157 -22.23 -5.43 -0.27
CA ASP A 157 -23.70 -5.44 -0.30
C ASP A 157 -24.28 -5.46 1.14
N SER A 158 -23.83 -6.40 1.95
CA SER A 158 -24.19 -6.51 3.39
C SER A 158 -24.34 -5.20 4.15
N LEU A 159 -23.48 -4.23 3.87
CA LEU A 159 -23.49 -2.94 4.59
C LEU A 159 -24.77 -2.09 4.41
N CYS A 160 -25.54 -2.35 3.34
CA CYS A 160 -26.76 -1.59 3.05
C CYS A 160 -26.46 -0.10 3.21
N ASP A 161 -25.43 0.36 2.51
CA ASP A 161 -24.96 1.74 2.55
C ASP A 161 -25.14 2.31 1.14
N PRO A 162 -25.94 3.40 1.01
CA PRO A 162 -26.07 4.09 -0.28
C PRO A 162 -24.71 4.47 -0.88
N GLU A 163 -23.89 5.16 -0.07
CA GLU A 163 -22.56 5.65 -0.51
C GLU A 163 -21.71 4.57 -1.15
N VAL A 164 -21.66 3.43 -0.50
CA VAL A 164 -20.91 2.29 -1.01
C VAL A 164 -21.47 1.91 -2.38
N ASN A 165 -22.78 1.64 -2.42
CA ASN A 165 -23.51 1.24 -3.64
C ASN A 165 -23.44 2.25 -4.76
N ASP A 166 -23.62 3.52 -4.42
CA ASP A 166 -23.44 4.61 -5.39
C ASP A 166 -22.02 4.63 -5.93
N PHE A 167 -21.02 4.55 -5.03
CA PHE A 167 -19.61 4.52 -5.47
C PHE A 167 -19.42 3.40 -6.47
N ARG A 168 -19.85 2.20 -6.07
CA ARG A 168 -19.71 1.00 -6.93
C ARG A 168 -20.38 1.16 -8.28
N ALA A 169 -21.56 1.78 -8.30
CA ALA A 169 -22.31 1.92 -9.56
C ALA A 169 -21.54 2.84 -10.50
N LYS A 170 -21.14 4.00 -9.98
CA LYS A 170 -20.51 5.04 -10.79
C LYS A 170 -19.13 4.62 -11.26
N MET A 171 -18.30 4.14 -10.33
CA MET A 171 -16.93 3.79 -10.65
C MET A 171 -16.82 2.58 -11.54
N CYS A 172 -17.65 1.58 -11.30
CA CYS A 172 -17.63 0.40 -12.15
C CYS A 172 -18.11 0.72 -13.57
N GLN A 173 -19.08 1.62 -13.72
CA GLN A 173 -19.50 2.01 -15.07
C GLN A 173 -18.37 2.76 -15.77
N PHE A 174 -17.81 3.74 -15.06
CA PHE A 174 -16.74 4.56 -15.58
C PHE A 174 -15.52 3.75 -16.02
N CYS A 175 -15.10 2.82 -15.18
CA CYS A 175 -14.01 1.93 -15.54
C CYS A 175 -14.34 1.05 -16.73
N GLU A 176 -15.58 0.49 -16.73
CA GLU A 176 -15.99 -0.43 -17.80
C GLU A 176 -15.99 0.26 -19.15
N GLU A 177 -16.46 1.52 -19.18
CA GLU A 177 -16.47 2.35 -20.40
C GLU A 177 -15.06 2.60 -20.92
N ALA A 178 -14.16 2.99 -20.02
CA ALA A 178 -12.74 3.16 -20.35
C ALA A 178 -12.17 1.90 -21.02
N ALA A 179 -12.39 0.75 -20.40
CA ALA A 179 -11.95 -0.54 -20.93
C ALA A 179 -12.52 -0.86 -22.31
N ALA A 180 -13.82 -0.58 -22.51
CA ALA A 180 -14.48 -0.86 -23.81
C ALA A 180 -13.98 0.09 -24.88
N ARG A 181 -13.64 1.32 -24.48
CA ARG A 181 -13.05 2.31 -25.38
C ARG A 181 -11.67 1.83 -25.84
N ARG A 182 -10.84 1.43 -24.88
CA ARG A 182 -9.50 0.87 -25.15
C ARG A 182 -9.49 -0.21 -26.21
N GLN A 183 -10.45 -1.14 -26.16
CA GLN A 183 -10.50 -2.28 -27.10
C GLN A 183 -10.61 -1.83 -28.56
N GLN A 184 -11.45 -0.83 -28.81
CA GLN A 184 -11.70 -0.30 -30.17
C GLN A 184 -10.47 0.33 -30.82
N LEU A 185 -9.67 1.03 -30.01
CA LEU A 185 -8.62 1.92 -30.51
C LEU A 185 -7.42 1.14 -31.09
N GLY A 186 -6.53 1.85 -31.78
CA GLY A 186 -5.41 1.26 -32.52
C GLY A 186 -4.44 0.43 -31.68
N TRP A 187 -3.76 -0.52 -32.33
CA TRP A 187 -2.77 -1.38 -31.65
C TRP A 187 -1.59 -0.61 -31.10
N GLU A 188 -1.22 0.48 -31.77
CA GLU A 188 -0.20 1.42 -31.27
C GLU A 188 -0.62 1.95 -29.90
N ALA A 189 -1.83 2.52 -29.86
CA ALA A 189 -2.48 2.95 -28.62
C ALA A 189 -2.45 1.85 -27.59
N TRP A 190 -2.80 0.64 -28.00
CA TRP A 190 -2.82 -0.48 -27.08
C TRP A 190 -1.46 -0.85 -26.52
N LEU A 191 -0.45 -0.79 -27.37
CA LEU A 191 0.93 -1.06 -26.97
C LEU A 191 1.41 -0.02 -25.93
N GLN A 192 0.98 1.23 -26.14
CA GLN A 192 1.26 2.35 -25.26
C GLN A 192 0.59 2.19 -23.91
N TYR A 193 -0.64 1.69 -23.93
CA TYR A 193 -1.36 1.31 -22.72
C TYR A 193 -0.64 0.19 -21.97
N SER A 194 -0.27 -0.84 -22.70
CA SER A 194 0.13 -2.08 -22.07
C SER A 194 1.62 -2.12 -21.73
N PHE A 195 2.45 -1.63 -22.64
CA PHE A 195 3.91 -1.62 -22.44
C PHE A 195 4.46 -0.22 -22.67
N PRO A 196 4.15 0.72 -21.75
CA PRO A 196 4.60 2.08 -21.92
C PRO A 196 6.11 2.15 -21.89
N LEU A 197 6.65 3.12 -22.61
CA LEU A 197 8.08 3.19 -22.84
C LEU A 197 8.82 3.39 -21.53
N GLN A 198 9.89 2.61 -21.36
CA GLN A 198 10.78 2.73 -20.21
C GLN A 198 12.00 3.49 -20.72
N LEU A 199 12.05 4.79 -20.38
CA LEU A 199 13.10 5.67 -20.84
C LEU A 199 14.04 6.09 -19.71
N GLU A 200 15.27 6.38 -20.11
CA GLU A 200 16.29 6.93 -19.22
C GLU A 200 15.92 8.41 -19.03
N PRO A 201 16.15 8.97 -17.83
CA PRO A 201 15.95 10.41 -17.63
C PRO A 201 16.77 11.34 -18.53
N SER A 202 16.52 12.64 -18.41
CA SER A 202 16.64 13.61 -19.50
C SER A 202 15.55 13.24 -20.52
N ALA A 203 14.34 13.06 -19.98
CA ALA A 203 13.18 12.49 -20.66
C ALA A 203 12.01 13.46 -20.56
N PRO A 214 26.87 13.11 -26.52
CA PRO A 214 26.89 11.65 -26.46
C PRO A 214 26.38 11.04 -27.77
N ASN A 215 27.29 10.52 -28.60
CA ASN A 215 26.96 10.15 -29.98
C ASN A 215 27.80 9.00 -30.59
N ARG A 216 28.19 8.02 -29.76
CA ARG A 216 28.98 6.85 -30.25
C ARG A 216 28.08 5.84 -31.00
N ALA A 217 28.66 4.71 -31.43
CA ALA A 217 27.93 3.71 -32.22
C ALA A 217 28.45 2.28 -32.02
N LEU A 218 27.54 1.35 -31.71
CA LEU A 218 27.85 -0.09 -31.54
C LEU A 218 26.74 -1.00 -32.12
N LEU A 219 27.07 -2.28 -32.30
CA LEU A 219 26.23 -3.25 -33.02
C LEU A 219 24.98 -3.68 -32.25
N VAL A 220 24.07 -4.37 -32.94
CA VAL A 220 22.78 -4.78 -32.38
C VAL A 220 22.17 -5.98 -33.11
N ASN A 221 21.82 -7.03 -32.37
CA ASN A 221 21.19 -8.25 -32.94
C ASN A 221 19.68 -8.12 -33.02
N VAL A 222 19.13 -8.32 -34.22
CA VAL A 222 17.69 -8.30 -34.45
C VAL A 222 17.28 -9.59 -35.14
N LYS A 223 16.09 -10.09 -34.78
CA LYS A 223 15.49 -11.29 -35.38
C LYS A 223 13.98 -11.09 -35.63
N PHE A 224 13.33 -12.12 -36.17
CA PHE A 224 11.89 -12.13 -36.39
C PHE A 224 11.22 -13.21 -35.55
N GLU A 225 9.89 -13.13 -35.48
CA GLU A 225 9.09 -13.99 -34.62
C GLU A 225 8.88 -15.34 -35.31
N GLY A 226 9.26 -16.41 -34.63
CA GLY A 226 9.19 -17.77 -35.19
C GLY A 226 10.27 -18.04 -36.23
N SER A 227 11.51 -17.71 -35.87
CA SER A 227 12.67 -17.80 -36.78
C SER A 227 13.99 -17.92 -36.01
N GLU A 228 14.72 -19.01 -36.27
CA GLU A 228 16.01 -19.28 -35.63
C GLU A 228 17.03 -18.21 -35.98
N GLU A 229 17.20 -17.96 -37.29
CA GLU A 229 18.20 -17.00 -37.79
C GLU A 229 17.93 -15.55 -37.36
N SER A 230 19.02 -14.78 -37.29
CA SER A 230 19.01 -13.40 -36.81
C SER A 230 20.09 -12.57 -37.50
N PHE A 231 19.97 -11.25 -37.38
CA PHE A 231 20.79 -10.30 -38.14
C PHE A 231 21.51 -9.35 -37.21
N THR A 232 22.83 -9.52 -37.08
CA THR A 232 23.69 -8.57 -36.37
C THR A 232 24.07 -7.45 -37.33
N PHE A 233 23.89 -6.19 -36.92
CA PHE A 233 24.36 -5.05 -37.72
C PHE A 233 24.51 -3.76 -36.92
N GLN A 234 25.27 -2.82 -37.50
CA GLN A 234 25.62 -1.56 -36.84
C GLN A 234 24.47 -0.54 -36.91
N VAL A 235 24.25 0.13 -35.79
CA VAL A 235 23.46 1.37 -35.74
C VAL A 235 24.12 2.30 -34.70
N SER A 236 23.64 3.54 -34.63
CA SER A 236 24.19 4.54 -33.69
C SER A 236 23.34 4.65 -32.42
N THR A 237 23.89 5.39 -31.46
CA THR A 237 23.15 5.79 -30.26
C THR A 237 21.94 6.66 -30.65
N LYS A 238 22.12 7.55 -31.62
CA LYS A 238 21.11 8.57 -31.96
C LYS A 238 20.11 8.18 -33.08
N ASP A 239 20.11 6.92 -33.52
CA ASP A 239 19.09 6.41 -34.47
C ASP A 239 17.73 6.24 -33.76
N VAL A 240 16.65 6.70 -34.39
CA VAL A 240 15.29 6.49 -33.87
C VAL A 240 14.88 5.03 -34.18
N PRO A 241 13.86 4.49 -33.49
CA PRO A 241 13.63 3.04 -33.57
C PRO A 241 13.06 2.54 -34.91
N LEU A 242 12.17 3.31 -35.53
CA LEU A 242 11.65 3.01 -36.88
C LEU A 242 12.77 2.88 -37.92
N ALA A 243 13.77 3.77 -37.85
CA ALA A 243 14.96 3.71 -38.71
C ALA A 243 15.68 2.35 -38.61
N LEU A 244 15.70 1.79 -37.40
CA LEU A 244 16.30 0.48 -37.14
C LEU A 244 15.49 -0.64 -37.80
N MET A 245 14.16 -0.56 -37.68
CA MET A 245 13.25 -1.55 -38.29
C MET A 245 13.43 -1.64 -39.82
N ALA A 246 13.75 -0.51 -40.44
CA ALA A 246 14.03 -0.43 -41.88
C ALA A 246 15.11 -1.42 -42.35
N CYS A 247 16.19 -1.55 -41.58
CA CYS A 247 17.36 -2.35 -42.00
C CYS A 247 17.14 -3.85 -41.89
N ALA A 248 16.52 -4.31 -40.80
CA ALA A 248 16.19 -5.73 -40.63
C ALA A 248 15.13 -6.16 -41.67
N LEU A 249 14.16 -5.29 -41.91
CA LEU A 249 13.13 -5.48 -42.95
C LEU A 249 13.74 -5.49 -44.37
N ARG A 250 14.83 -4.75 -44.57
CA ARG A 250 15.61 -4.79 -45.82
C ARG A 250 16.42 -6.09 -45.92
N LYS A 251 17.04 -6.50 -44.82
CA LYS A 251 17.77 -7.78 -44.75
C LYS A 251 16.85 -9.02 -44.92
N LYS A 252 15.58 -8.89 -44.56
CA LYS A 252 14.57 -9.94 -44.78
C LYS A 252 14.38 -10.26 -46.27
N ALA A 253 14.20 -9.22 -47.08
CA ALA A 253 14.08 -9.35 -48.55
C ALA A 253 15.39 -9.81 -49.23
N THR A 254 16.54 -9.58 -48.58
CA THR A 254 17.83 -10.02 -49.10
C THR A 254 18.03 -11.53 -48.94
N VAL A 255 18.03 -12.01 -47.69
CA VAL A 255 18.24 -13.43 -47.39
C VAL A 255 16.92 -14.18 -47.41
N GLN A 263 6.29 -1.35 -45.75
CA GLN A 263 6.34 -2.33 -44.67
C GLN A 263 7.08 -2.00 -43.34
N PRO A 264 7.54 -0.74 -43.11
CA PRO A 264 8.26 -0.52 -41.85
C PRO A 264 7.39 -0.43 -40.58
N GLU A 265 6.20 0.17 -40.71
CA GLU A 265 5.35 0.52 -39.57
C GLU A 265 4.38 -0.57 -39.15
N ASP A 266 4.33 -1.67 -39.89
CA ASP A 266 3.55 -2.84 -39.49
C ASP A 266 4.16 -3.58 -38.29
N TYR A 267 5.40 -3.23 -37.90
CA TYR A 267 6.09 -3.88 -36.78
C TYR A 267 6.47 -2.91 -35.66
N THR A 268 6.79 -3.46 -34.49
CA THR A 268 7.62 -2.79 -33.47
C THR A 268 8.67 -3.78 -32.95
N LEU A 269 9.57 -3.30 -32.10
CA LEU A 269 10.65 -4.12 -31.55
C LEU A 269 10.38 -4.49 -30.10
N GLN A 270 10.61 -5.77 -29.78
CA GLN A 270 10.53 -6.30 -28.41
C GLN A 270 11.93 -6.63 -27.91
N VAL A 271 12.18 -6.44 -26.62
CA VAL A 271 13.42 -6.90 -26.00
C VAL A 271 13.25 -8.38 -25.67
N ASN A 272 13.97 -9.23 -26.40
CA ASN A 272 13.97 -10.71 -26.19
C ASN A 272 13.80 -11.16 -24.73
N GLY A 273 12.74 -11.91 -24.45
CA GLY A 273 12.47 -12.46 -23.11
C GLY A 273 11.95 -11.47 -22.07
N ARG A 274 11.43 -10.34 -22.55
CA ARG A 274 10.81 -9.32 -21.70
C ARG A 274 9.67 -8.65 -22.45
N HIS A 275 8.63 -8.23 -21.74
CA HIS A 275 7.63 -7.32 -22.30
C HIS A 275 8.09 -5.89 -22.16
N GLU A 276 9.17 -5.53 -22.84
CA GLU A 276 9.63 -4.14 -22.98
C GLU A 276 9.74 -3.92 -24.48
N TYR A 277 9.21 -2.79 -24.97
CA TYR A 277 9.12 -2.55 -26.40
C TYR A 277 9.73 -1.22 -26.80
N LEU A 278 10.34 -1.22 -27.99
CA LEU A 278 11.07 -0.07 -28.51
C LEU A 278 10.26 0.59 -29.64
N TYR A 279 9.70 1.76 -29.35
CA TYR A 279 8.89 2.50 -30.31
C TYR A 279 8.83 3.99 -29.96
N GLY A 280 8.35 4.79 -30.89
CA GLY A 280 8.12 6.21 -30.67
C GLY A 280 9.20 7.06 -31.29
N SER A 281 9.15 8.35 -31.03
CA SER A 281 10.02 9.34 -31.69
C SER A 281 11.41 9.55 -31.03
N TYR A 282 11.74 8.72 -30.04
CA TYR A 282 12.94 8.86 -29.20
C TYR A 282 14.14 8.09 -29.76
N PRO A 283 15.38 8.57 -29.52
CA PRO A 283 16.56 7.82 -30.00
C PRO A 283 16.88 6.62 -29.14
N LEU A 284 17.62 5.66 -29.70
CA LEU A 284 17.97 4.40 -29.01
C LEU A 284 18.57 4.53 -27.59
N CYS A 285 19.52 5.45 -27.42
CA CYS A 285 20.22 5.60 -26.14
C CYS A 285 19.35 6.05 -24.96
N GLN A 286 18.21 6.70 -25.25
CA GLN A 286 17.23 7.06 -24.19
C GLN A 286 16.42 5.87 -23.64
N PHE A 287 16.42 4.74 -24.33
CA PHE A 287 15.78 3.52 -23.82
C PHE A 287 16.67 2.87 -22.77
N GLN A 288 16.05 2.28 -21.75
CA GLN A 288 16.77 1.66 -20.63
C GLN A 288 17.62 0.47 -21.06
N TYR A 289 17.02 -0.43 -21.83
CA TYR A 289 17.71 -1.65 -22.25
C TYR A 289 19.01 -1.32 -23.02
N ILE A 290 18.91 -0.40 -23.98
CA ILE A 290 20.04 0.01 -24.81
C ILE A 290 21.10 0.67 -23.96
N CYS A 291 20.65 1.66 -23.19
CA CYS A 291 21.52 2.38 -22.26
C CYS A 291 22.27 1.44 -21.34
N SER A 292 21.54 0.46 -20.79
CA SER A 292 22.11 -0.61 -19.97
C SER A 292 23.12 -1.45 -20.75
N CYS A 293 22.75 -1.84 -21.97
CA CYS A 293 23.62 -2.63 -22.86
C CYS A 293 24.93 -1.91 -23.23
N LEU A 294 24.84 -0.62 -23.53
CA LEU A 294 26.01 0.25 -23.80
C LEU A 294 27.02 0.28 -22.64
N HIS A 295 26.50 0.41 -21.42
CA HIS A 295 27.33 0.56 -20.21
C HIS A 295 27.99 -0.74 -19.84
N SER A 296 27.26 -1.86 -19.96
CA SER A 296 27.83 -3.20 -19.79
C SER A 296 28.73 -3.62 -20.95
N GLY A 297 28.56 -3.00 -22.11
CA GLY A 297 29.27 -3.38 -23.33
C GLY A 297 28.59 -4.48 -24.15
N LEU A 298 27.52 -5.06 -23.60
CA LEU A 298 26.85 -6.22 -24.19
C LEU A 298 26.02 -5.79 -25.41
N THR A 299 25.85 -6.69 -26.37
CA THR A 299 25.06 -6.42 -27.56
C THR A 299 23.57 -6.50 -27.23
N PRO A 300 22.75 -5.56 -27.75
CA PRO A 300 21.28 -5.74 -27.61
C PRO A 300 20.76 -6.99 -28.34
N HIS A 301 19.62 -7.49 -27.89
CA HIS A 301 18.92 -8.62 -28.52
C HIS A 301 17.46 -8.32 -28.63
N LEU A 302 16.97 -8.25 -29.87
CA LEU A 302 15.62 -7.80 -30.16
C LEU A 302 14.91 -8.70 -31.14
N THR A 303 13.57 -8.60 -31.15
CA THR A 303 12.68 -9.32 -32.04
C THR A 303 11.73 -8.33 -32.72
N MET A 304 11.56 -8.47 -34.03
CA MET A 304 10.49 -7.75 -34.76
C MET A 304 9.19 -8.54 -34.63
N VAL A 305 8.08 -7.82 -34.38
CA VAL A 305 6.77 -8.42 -34.11
C VAL A 305 5.69 -7.64 -34.89
N HIS A 306 4.82 -8.37 -35.60
CA HIS A 306 3.83 -7.78 -36.50
C HIS A 306 2.60 -7.29 -35.76
N SER A 307 1.91 -6.28 -36.32
CA SER A 307 0.67 -5.72 -35.75
C SER A 307 -0.32 -6.79 -35.28
N SER A 308 -0.63 -7.72 -36.20
CA SER A 308 -1.32 -8.98 -35.93
C SER A 308 -0.95 -9.68 -34.61
N SER A 309 0.35 -9.81 -34.36
CA SER A 309 0.85 -10.43 -33.12
C SER A 309 0.56 -9.58 -31.87
N ILE A 310 0.49 -8.25 -32.04
CA ILE A 310 0.05 -7.34 -30.96
C ILE A 310 -1.50 -7.33 -30.81
N LEU A 311 -2.23 -7.34 -31.92
CA LEU A 311 -3.68 -7.49 -31.91
C LEU A 311 -4.09 -8.79 -31.23
N ALA A 312 -3.39 -9.89 -31.54
CA ALA A 312 -3.63 -11.19 -30.89
C ALA A 312 -3.46 -11.13 -29.36
N MET A 313 -2.42 -10.41 -28.92
CA MET A 313 -2.23 -10.06 -27.49
C MET A 313 -3.42 -9.27 -26.94
N ARG A 314 -3.86 -8.28 -27.72
CA ARG A 314 -4.94 -7.36 -27.34
C ARG A 314 -6.29 -8.06 -27.12
N ASP A 315 -6.51 -9.18 -27.80
CA ASP A 315 -7.77 -9.93 -27.72
C ASP A 315 -7.70 -10.99 -26.62
N GLU A 316 -6.66 -11.83 -26.68
CA GLU A 316 -6.33 -12.76 -25.59
C GLU A 316 -4.82 -12.94 -25.45
N SER A 341 -36.86 22.37 0.57
CA SER A 341 -35.72 23.22 0.25
C SER A 341 -35.65 24.47 1.15
N VAL A 342 -34.85 24.37 2.21
CA VAL A 342 -34.55 25.47 3.13
C VAL A 342 -33.04 25.73 3.08
N SER A 343 -32.64 26.97 2.75
CA SER A 343 -31.22 27.34 2.62
C SER A 343 -30.53 27.28 3.98
N LEU A 344 -29.37 26.60 4.03
CA LEU A 344 -28.66 26.27 5.28
C LEU A 344 -28.32 27.47 6.16
N TRP A 345 -28.00 28.61 5.52
CA TRP A 345 -27.56 29.81 6.23
C TRP A 345 -28.63 30.53 7.00
N SER A 346 -29.87 30.03 6.95
CA SER A 346 -30.97 30.51 7.80
C SER A 346 -30.99 29.95 9.24
N LEU A 347 -30.39 28.79 9.48
CA LEU A 347 -30.47 28.13 10.82
C LEU A 347 -29.44 28.65 11.82
N GLU A 348 -29.67 29.86 12.35
CA GLU A 348 -28.81 30.47 13.36
C GLU A 348 -29.11 29.89 14.74
N GLN A 349 -28.73 28.64 14.94
CA GLN A 349 -29.04 27.90 16.18
C GLN A 349 -27.80 27.08 16.59
N PRO A 350 -27.34 27.22 17.86
CA PRO A 350 -26.08 26.55 18.25
C PRO A 350 -26.12 25.04 18.00
N PHE A 351 -25.00 24.48 17.53
CA PHE A 351 -24.91 23.06 17.20
C PHE A 351 -24.94 22.22 18.47
N ARG A 352 -25.72 21.14 18.43
CA ARG A 352 -25.92 20.27 19.58
C ARG A 352 -26.14 18.83 19.15
N ILE A 353 -25.75 17.90 20.02
CA ILE A 353 -26.03 16.47 19.83
C ILE A 353 -26.46 15.83 21.17
N GLU A 354 -27.24 14.77 21.08
CA GLU A 354 -27.62 13.96 22.25
C GLU A 354 -26.70 12.74 22.31
N LEU A 355 -26.02 12.59 23.45
CA LEU A 355 -25.26 11.39 23.79
C LEU A 355 -26.20 10.44 24.52
N ILE A 356 -26.39 9.23 24.01
CA ILE A 356 -27.32 8.28 24.64
C ILE A 356 -26.58 7.24 25.48
N GLN A 357 -25.95 6.28 24.83
CA GLN A 357 -25.41 5.10 25.50
C GLN A 357 -24.00 4.82 24.97
N GLY A 358 -23.24 4.08 25.78
CA GLY A 358 -22.05 3.38 25.31
C GLY A 358 -22.38 1.91 25.13
N SER A 359 -21.41 1.16 24.64
CA SER A 359 -21.61 -0.25 24.35
C SER A 359 -20.30 -1.00 24.38
N LYS A 360 -20.32 -2.21 24.93
CA LYS A 360 -19.17 -3.10 24.92
C LYS A 360 -17.86 -2.44 25.42
N VAL A 361 -18.00 -1.56 26.41
CA VAL A 361 -16.88 -0.84 27.01
C VAL A 361 -16.17 -1.78 27.99
N ASN A 362 -14.85 -1.82 27.91
CA ASN A 362 -14.02 -2.64 28.80
C ASN A 362 -13.04 -1.74 29.57
N ALA A 363 -13.52 -1.22 30.69
CA ALA A 363 -12.79 -0.24 31.49
C ALA A 363 -12.68 -0.67 32.96
N ASP A 364 -11.75 -0.04 33.67
CA ASP A 364 -11.47 -0.36 35.06
C ASP A 364 -12.67 0.01 35.94
N GLU A 365 -13.20 -0.98 36.65
CA GLU A 365 -14.51 -0.85 37.33
C GLU A 365 -14.53 0.19 38.47
N ARG A 366 -13.36 0.51 39.03
CA ARG A 366 -13.23 1.55 40.05
C ARG A 366 -13.29 2.98 39.49
N MET A 367 -12.75 3.19 38.29
CA MET A 367 -12.80 4.48 37.60
C MET A 367 -14.23 4.80 37.13
N LYS A 368 -14.42 5.99 36.53
CA LYS A 368 -15.75 6.42 36.02
C LYS A 368 -15.63 7.14 34.67
N LEU A 369 -16.53 6.82 33.74
CA LEU A 369 -16.34 7.17 32.31
C LEU A 369 -16.84 8.57 31.91
N VAL A 370 -16.00 9.26 31.12
CA VAL A 370 -16.34 10.52 30.46
C VAL A 370 -16.22 10.36 28.95
N VAL A 371 -17.08 11.08 28.22
CA VAL A 371 -16.92 11.24 26.78
C VAL A 371 -16.61 12.70 26.48
N GLN A 372 -15.40 12.96 25.97
CA GLN A 372 -15.01 14.27 25.46
C GLN A 372 -15.31 14.33 23.96
N ALA A 373 -15.82 15.49 23.53
CA ALA A 373 -16.24 15.70 22.15
C ALA A 373 -15.87 17.09 21.63
N GLY A 374 -15.55 17.18 20.33
CA GLY A 374 -15.15 18.45 19.70
C GLY A 374 -15.31 18.44 18.18
N LEU A 375 -15.65 19.58 17.61
CA LEU A 375 -15.81 19.72 16.17
C LEU A 375 -14.47 20.10 15.58
N PHE A 376 -14.19 19.60 14.38
CA PHE A 376 -12.94 19.92 13.69
C PHE A 376 -13.12 20.15 12.19
N HIS A 377 -12.20 20.94 11.63
CA HIS A 377 -12.02 21.06 10.19
C HIS A 377 -10.56 20.92 9.88
N GLY A 378 -10.17 19.71 9.50
CA GLY A 378 -8.75 19.38 9.36
C GLY A 378 -8.10 19.33 10.73
N ASN A 379 -7.02 20.09 10.91
CA ASN A 379 -6.32 20.16 12.20
C ASN A 379 -7.04 21.00 13.24
N GLU A 380 -7.86 21.95 12.78
CA GLU A 380 -8.31 23.06 13.61
C GLU A 380 -9.66 22.84 14.31
N MET A 381 -9.72 23.21 15.60
CA MET A 381 -10.96 23.22 16.36
C MET A 381 -11.83 24.32 15.79
N LEU A 382 -13.05 23.98 15.44
CA LEU A 382 -14.04 24.99 15.05
C LEU A 382 -14.58 25.75 16.27
N CYS A 383 -14.64 25.08 17.42
CA CYS A 383 -15.14 25.67 18.67
C CYS A 383 -14.53 25.00 19.90
N LYS A 384 -14.86 25.54 21.08
CA LYS A 384 -14.39 24.98 22.35
C LYS A 384 -15.03 23.60 22.59
N THR A 385 -14.19 22.63 22.98
CA THR A 385 -14.63 21.25 23.15
C THR A 385 -15.40 21.04 24.44
N VAL A 386 -16.69 20.74 24.31
CA VAL A 386 -17.55 20.45 25.46
C VAL A 386 -17.42 18.99 25.88
N SER A 387 -17.78 18.69 27.13
CA SER A 387 -17.60 17.34 27.71
C SER A 387 -18.82 16.83 28.51
N SER A 388 -18.82 15.51 28.74
CA SER A 388 -19.94 14.84 29.42
C SER A 388 -19.77 14.89 30.94
N SER A 389 -20.76 14.33 31.62
CA SER A 389 -20.65 14.04 33.04
C SER A 389 -19.98 12.68 33.24
N GLU A 390 -19.57 12.43 34.48
CA GLU A 390 -18.95 11.17 34.86
C GLU A 390 -20.04 10.16 35.26
N VAL A 391 -20.28 9.18 34.39
CA VAL A 391 -21.08 8.01 34.73
C VAL A 391 -20.14 6.93 35.21
N SER A 392 -20.63 6.01 36.04
CA SER A 392 -19.83 4.91 36.57
C SER A 392 -19.33 3.99 35.46
N VAL A 393 -18.12 3.45 35.63
CA VAL A 393 -17.59 2.47 34.66
C VAL A 393 -18.47 1.24 34.67
N CYS A 394 -19.00 0.91 33.49
CA CYS A 394 -19.70 -0.34 33.25
C CYS A 394 -19.75 -0.58 31.74
N SER A 395 -20.13 -1.78 31.34
CA SER A 395 -20.13 -2.19 29.93
C SER A 395 -21.09 -1.39 29.04
N GLU A 396 -22.21 -0.96 29.60
CA GLU A 396 -23.29 -0.33 28.86
C GLU A 396 -23.73 0.98 29.55
N PRO A 397 -22.83 1.98 29.57
CA PRO A 397 -23.08 3.23 30.29
C PRO A 397 -24.07 4.13 29.55
N VAL A 398 -24.94 4.79 30.31
CA VAL A 398 -26.04 5.60 29.78
C VAL A 398 -25.83 7.05 30.24
N TRP A 399 -25.89 8.00 29.31
CA TRP A 399 -25.69 9.43 29.60
C TRP A 399 -26.93 10.25 29.42
N LYS A 400 -27.55 10.15 28.24
CA LYS A 400 -28.75 10.92 27.89
C LYS A 400 -28.54 12.43 28.10
N GLN A 401 -27.42 12.94 27.57
CA GLN A 401 -26.99 14.33 27.76
C GLN A 401 -26.92 15.10 26.44
N ARG A 402 -27.53 16.28 26.42
CA ARG A 402 -27.29 17.22 25.34
C ARG A 402 -25.91 17.83 25.56
N LEU A 403 -25.11 17.85 24.50
CA LEU A 403 -23.86 18.61 24.46
C LEU A 403 -24.04 19.69 23.42
N GLU A 404 -24.11 20.95 23.87
CA GLU A 404 -24.22 22.11 23.00
C GLU A 404 -22.83 22.63 22.73
N PHE A 405 -22.63 23.17 21.53
CA PHE A 405 -21.33 23.66 21.08
C PHE A 405 -21.37 25.14 20.76
N ASP A 406 -20.22 25.80 20.85
CA ASP A 406 -20.12 27.25 20.67
C ASP A 406 -20.04 27.62 19.18
N ILE A 407 -20.98 27.12 18.40
CA ILE A 407 -21.04 27.38 16.96
C ILE A 407 -22.45 27.10 16.45
N ASN A 408 -22.99 28.04 15.66
CA ASN A 408 -24.32 27.88 15.07
C ASN A 408 -24.26 27.06 13.78
N ILE A 409 -25.34 26.33 13.52
CA ILE A 409 -25.44 25.37 12.40
C ILE A 409 -25.11 25.99 11.03
N CYS A 410 -25.43 27.28 10.85
CA CYS A 410 -25.09 27.98 9.61
C CYS A 410 -23.57 28.18 9.39
N ASP A 411 -22.80 28.22 10.47
CA ASP A 411 -21.34 28.43 10.39
C ASP A 411 -20.52 27.17 10.03
N LEU A 412 -21.15 25.99 10.09
CA LEU A 412 -20.47 24.73 9.81
C LEU A 412 -20.00 24.67 8.34
N PRO A 413 -18.70 24.33 8.10
CA PRO A 413 -18.21 24.12 6.72
C PRO A 413 -18.54 22.73 6.20
N ARG A 414 -18.41 22.55 4.88
CA ARG A 414 -18.78 21.30 4.19
C ARG A 414 -18.16 20.07 4.83
N MET A 415 -16.89 20.21 5.22
CA MET A 415 -16.11 19.09 5.74
C MET A 415 -16.02 19.12 7.27
N ALA A 416 -17.04 19.68 7.91
CA ALA A 416 -17.11 19.69 9.38
C ALA A 416 -17.20 18.26 9.89
N ARG A 417 -16.52 18.03 11.00
CA ARG A 417 -16.16 16.69 11.44
C ARG A 417 -16.22 16.63 12.98
N LEU A 418 -17.23 15.92 13.48
CA LEU A 418 -17.41 15.73 14.92
C LEU A 418 -16.56 14.57 15.35
N CYS A 419 -15.93 14.72 16.52
CA CYS A 419 -14.89 13.81 16.97
C CYS A 419 -15.12 13.47 18.43
N PHE A 420 -15.10 12.19 18.74
CA PHE A 420 -15.39 11.70 20.07
C PHE A 420 -14.20 10.95 20.60
N ALA A 421 -14.04 11.02 21.92
CA ALA A 421 -13.07 10.20 22.62
C ALA A 421 -13.72 9.77 23.92
N LEU A 422 -13.64 8.48 24.24
CA LEU A 422 -14.13 7.94 25.51
C LEU A 422 -12.95 7.74 26.43
N TYR A 423 -13.04 8.34 27.62
CA TYR A 423 -11.99 8.30 28.64
C TYR A 423 -12.47 7.56 29.87
N ALA A 424 -11.52 7.01 30.62
CA ALA A 424 -11.73 6.57 32.00
C ALA A 424 -10.95 7.55 32.90
N VAL A 425 -11.62 7.99 33.97
CA VAL A 425 -11.09 9.02 34.86
C VAL A 425 -11.33 8.61 36.32
N ILE A 426 -10.44 9.06 37.20
CA ILE A 426 -10.51 8.74 38.62
C ILE A 426 -11.60 9.57 39.33
N GLU A 427 -12.09 9.05 40.46
CA GLU A 427 -13.06 9.72 41.36
C GLU A 427 -14.46 9.82 40.76
N ASP A 443 -7.03 10.65 32.77
CA ASP A 443 -5.75 9.97 32.56
C ASP A 443 -5.79 8.91 31.44
N CYS A 444 -6.87 8.13 31.34
CA CYS A 444 -6.97 6.99 30.39
C CYS A 444 -7.86 7.26 29.16
N PRO A 445 -7.25 7.51 27.96
CA PRO A 445 -8.03 7.47 26.72
C PRO A 445 -8.35 6.04 26.28
N ILE A 446 -9.64 5.68 26.26
CA ILE A 446 -10.08 4.32 25.94
C ILE A 446 -10.13 4.14 24.43
N ALA A 447 -10.93 4.99 23.77
CA ALA A 447 -11.28 4.79 22.37
C ALA A 447 -11.85 6.07 21.78
N TRP A 448 -11.88 6.16 20.46
CA TRP A 448 -12.30 7.35 19.73
C TRP A 448 -13.10 7.03 18.48
N ALA A 449 -13.74 8.06 17.94
CA ALA A 449 -14.53 7.93 16.72
C ALA A 449 -14.81 9.31 16.16
N ASN A 450 -14.88 9.39 14.83
CA ASN A 450 -15.14 10.64 14.15
C ASN A 450 -16.27 10.46 13.19
N LEU A 451 -16.91 11.57 12.85
CA LEU A 451 -18.15 11.55 12.12
C LEU A 451 -18.23 12.80 11.29
N MET A 452 -18.46 12.62 9.98
CA MET A 452 -18.75 13.76 9.12
C MET A 452 -20.18 14.19 9.41
N LEU A 453 -20.36 15.49 9.73
CA LEU A 453 -21.69 16.03 10.01
C LEU A 453 -22.58 16.13 8.78
N PHE A 454 -21.99 16.39 7.61
CA PHE A 454 -22.71 16.25 6.33
C PHE A 454 -22.34 14.95 5.67
N ASP A 455 -23.25 14.42 4.83
CA ASP A 455 -23.03 13.16 4.14
C ASP A 455 -22.56 13.38 2.69
N TYR A 456 -22.33 12.29 1.97
CA TYR A 456 -21.79 12.35 0.62
C TYR A 456 -22.67 13.07 -0.44
N LYS A 457 -23.96 13.25 -0.19
CA LYS A 457 -24.82 14.00 -1.10
C LYS A 457 -25.01 15.47 -0.66
N ASP A 458 -24.13 15.93 0.23
CA ASP A 458 -24.14 17.29 0.81
C ASP A 458 -25.21 17.52 1.90
N GLN A 459 -25.89 16.46 2.37
CA GLN A 459 -26.99 16.63 3.34
C GLN A 459 -26.50 16.63 4.79
N LEU A 460 -26.96 17.61 5.56
CA LEU A 460 -26.72 17.65 7.01
C LEU A 460 -27.42 16.48 7.66
N LYS A 461 -26.64 15.62 8.31
CA LYS A 461 -27.17 14.38 8.87
C LYS A 461 -28.14 14.68 10.00
N THR A 462 -29.12 13.79 10.15
CA THR A 462 -30.16 13.93 11.19
C THR A 462 -30.47 12.55 11.75
N GLY A 463 -30.79 12.50 13.04
CA GLY A 463 -31.15 11.26 13.72
C GLY A 463 -29.99 10.44 14.22
N GLU A 464 -30.34 9.32 14.88
CA GLU A 464 -29.40 8.42 15.55
C GLU A 464 -28.33 7.85 14.64
N ARG A 465 -27.11 7.78 15.17
CA ARG A 465 -25.99 7.07 14.54
C ARG A 465 -25.26 6.26 15.62
N CYS A 466 -24.81 5.06 15.24
CA CYS A 466 -24.07 4.19 16.15
C CYS A 466 -22.64 4.10 15.61
N LEU A 467 -21.74 4.88 16.23
CA LEU A 467 -20.33 4.98 15.82
C LEU A 467 -19.58 3.87 16.53
N TYR A 468 -19.15 2.86 15.79
CA TYR A 468 -18.34 1.80 16.38
C TYR A 468 -16.90 2.34 16.51
N MET A 469 -16.38 2.37 17.74
CA MET A 469 -15.17 3.11 18.10
C MET A 469 -13.88 2.33 17.90
N TRP A 470 -12.80 3.09 17.72
CA TRP A 470 -11.46 2.56 17.56
C TRP A 470 -10.69 2.70 18.84
N PRO A 471 -9.85 1.72 19.19
CA PRO A 471 -9.05 1.90 20.40
C PRO A 471 -7.96 2.98 20.26
N SER A 472 -7.79 3.76 21.32
CA SER A 472 -6.77 4.79 21.41
C SER A 472 -5.44 4.14 21.74
N VAL A 473 -4.39 4.57 21.02
CA VAL A 473 -3.01 4.17 21.28
C VAL A 473 -2.32 5.31 22.08
N PRO A 474 -1.61 4.97 23.16
CA PRO A 474 -0.87 6.02 23.89
C PRO A 474 0.38 6.45 23.12
N ASP A 475 0.62 7.76 23.06
CA ASP A 475 1.67 8.33 22.21
C ASP A 475 2.09 9.73 22.66
N GLU A 476 3.19 10.21 22.07
CA GLU A 476 3.81 11.52 22.39
C GLU A 476 2.85 12.68 22.41
N LYS A 477 2.02 12.76 21.36
CA LYS A 477 1.03 13.82 21.20
C LYS A 477 0.04 13.74 22.36
N GLY A 478 -0.64 12.60 22.47
CA GLY A 478 -1.63 12.35 23.52
C GLY A 478 -2.73 13.40 23.63
N GLU A 479 -3.18 13.89 22.49
CA GLU A 479 -4.19 14.97 22.44
C GLU A 479 -5.52 14.48 22.99
N LEU A 480 -6.40 15.43 23.25
CA LEU A 480 -7.75 15.15 23.76
C LEU A 480 -8.46 14.16 22.82
N LEU A 481 -8.54 14.56 21.56
CA LEU A 481 -9.25 13.84 20.54
C LEU A 481 -8.25 13.37 19.50
N ASN A 482 -8.75 12.76 18.43
CA ASN A 482 -7.94 12.32 17.32
C ASN A 482 -8.68 12.71 16.03
N PRO A 483 -8.70 14.02 15.72
CA PRO A 483 -9.43 14.50 14.55
C PRO A 483 -8.81 14.11 13.22
N THR A 484 -7.53 13.69 13.22
CA THR A 484 -6.87 13.20 12.00
C THR A 484 -7.41 11.82 11.58
N GLY A 485 -7.80 11.00 12.55
CA GLY A 485 -8.27 9.64 12.30
C GLY A 485 -9.43 9.50 11.33
N THR A 486 -9.55 8.31 10.75
CA THR A 486 -10.57 8.00 9.75
C THR A 486 -12.01 8.29 10.24
N VAL A 487 -12.89 8.63 9.30
CA VAL A 487 -14.31 8.85 9.59
C VAL A 487 -15.19 7.59 9.47
N ARG A 488 -14.64 6.48 8.96
CA ARG A 488 -15.40 5.22 8.82
C ARG A 488 -15.53 4.52 10.18
N SER A 489 -16.58 3.73 10.34
CA SER A 489 -16.75 2.91 11.54
C SER A 489 -15.77 1.74 11.56
N ASN A 490 -15.54 1.23 12.76
CA ASN A 490 -14.76 0.01 12.95
C ASN A 490 -15.57 -1.17 12.33
N PRO A 491 -14.95 -1.96 11.43
CA PRO A 491 -15.67 -3.12 10.86
C PRO A 491 -15.93 -4.29 11.84
N ASN A 492 -15.22 -4.36 12.98
CA ASN A 492 -15.54 -5.35 14.01
C ASN A 492 -16.78 -4.89 14.81
N THR A 493 -17.92 -4.86 14.13
CA THR A 493 -19.17 -4.39 14.73
C THR A 493 -19.66 -5.33 15.82
N ASP A 494 -19.28 -6.60 15.76
CA ASP A 494 -19.68 -7.60 16.77
C ASP A 494 -19.07 -7.35 18.16
N SER A 495 -17.75 -7.21 18.22
CA SER A 495 -17.01 -7.13 19.51
C SER A 495 -16.46 -5.73 19.91
N ALA A 496 -16.47 -4.77 18.99
CA ALA A 496 -15.93 -3.43 19.26
C ALA A 496 -16.87 -2.61 20.13
N ALA A 497 -16.29 -1.66 20.88
CA ALA A 497 -17.07 -0.67 21.62
C ALA A 497 -17.84 0.25 20.68
N ALA A 498 -18.80 0.99 21.22
CA ALA A 498 -19.68 1.82 20.38
C ALA A 498 -20.34 2.93 21.16
N LEU A 499 -20.85 3.92 20.43
CA LEU A 499 -21.52 5.08 21.02
C LEU A 499 -22.73 5.43 20.19
N LEU A 500 -23.90 5.49 20.86
CA LEU A 500 -25.16 5.85 20.23
C LEU A 500 -25.41 7.34 20.52
N ILE A 501 -25.40 8.14 19.47
CA ILE A 501 -25.71 9.56 19.56
C ILE A 501 -26.95 9.83 18.72
N CYS A 502 -27.44 11.06 18.79
CA CYS A 502 -28.53 11.53 17.95
C CYS A 502 -28.29 12.97 17.51
N LEU A 503 -28.31 13.21 16.21
CA LEU A 503 -28.25 14.55 15.66
C LEU A 503 -29.70 15.02 15.55
N PRO A 504 -30.05 16.14 16.21
CA PRO A 504 -31.46 16.51 16.30
C PRO A 504 -32.04 17.00 14.97
N GLU A 505 -33.37 16.98 14.87
CA GLU A 505 -34.09 17.47 13.70
C GLU A 505 -34.10 19.00 13.74
N VAL A 506 -33.42 19.60 12.77
CA VAL A 506 -33.10 21.03 12.78
C VAL A 506 -34.11 21.88 11.99
N ALA A 507 -34.72 21.28 10.96
CA ALA A 507 -35.78 21.93 10.18
C ALA A 507 -36.69 20.85 9.54
N PRO A 508 -37.97 21.18 9.26
CA PRO A 508 -38.93 20.17 8.75
C PRO A 508 -38.51 19.52 7.42
N HIS A 509 -38.07 20.34 6.47
CA HIS A 509 -37.46 19.84 5.22
C HIS A 509 -36.02 19.50 5.48
N PRO A 510 -35.45 18.54 4.72
CA PRO A 510 -34.00 18.32 4.84
C PRO A 510 -33.19 19.55 4.38
N VAL A 511 -31.90 19.56 4.72
CA VAL A 511 -31.01 20.70 4.46
C VAL A 511 -29.66 20.22 3.91
N TYR A 512 -29.19 20.89 2.86
CA TYR A 512 -27.88 20.60 2.22
C TYR A 512 -26.92 21.77 2.38
N TYR A 513 -25.62 21.48 2.29
CA TYR A 513 -24.61 22.54 2.20
C TYR A 513 -24.82 23.27 0.86
N PRO A 514 -24.93 24.62 0.88
CA PRO A 514 -25.25 25.40 -0.32
C PRO A 514 -24.41 25.08 -1.56
N ALA A 515 -25.05 25.16 -2.72
CA ALA A 515 -24.41 24.85 -4.00
C ALA A 515 -23.39 25.93 -4.38
N LEU A 516 -22.43 25.55 -5.22
CA LEU A 516 -21.42 26.47 -5.77
C LEU A 516 -22.02 27.77 -6.34
N GLU A 517 -23.25 27.69 -6.86
CA GLU A 517 -24.06 28.85 -7.23
C GLU A 517 -23.97 29.98 -6.20
N LYS A 518 -24.42 29.69 -4.99
CA LYS A 518 -24.65 30.70 -3.95
C LYS A 518 -23.39 31.02 -3.15
N ILE A 519 -22.36 30.19 -3.27
CA ILE A 519 -21.05 30.49 -2.69
C ILE A 519 -20.42 31.67 -3.43
N LEU A 520 -20.48 31.66 -4.75
CA LEU A 520 -20.03 32.79 -5.58
C LEU A 520 -20.92 34.01 -5.37
N GLU A 521 -22.22 33.79 -5.13
CA GLU A 521 -23.17 34.88 -4.82
C GLU A 521 -22.75 35.62 -3.55
N LEU A 522 -22.43 34.87 -2.48
CA LEU A 522 -21.95 35.45 -1.22
C LEU A 522 -20.51 35.97 -1.34
N GLY A 523 -19.63 35.19 -1.98
CA GLY A 523 -18.22 35.52 -2.08
C GLY A 523 -17.81 36.65 -3.01
N ARG A 524 -18.73 37.08 -3.89
CA ARG A 524 -18.48 38.19 -4.82
C ARG A 524 -18.14 39.53 -4.14
N HIS A 525 -18.95 39.90 -3.15
CA HIS A 525 -19.20 41.33 -2.84
C HIS A 525 -18.06 42.05 -2.20
N SER A 526 -17.41 41.43 -1.23
CA SER A 526 -16.18 41.95 -0.64
C SER A 526 -15.03 40.98 -0.96
N GLU A 533 2.13 51.05 -1.12
CA GLU A 533 3.07 49.93 -0.98
C GLU A 533 3.49 49.62 0.48
N GLU A 534 2.83 50.23 1.46
CA GLU A 534 3.16 50.04 2.89
C GLU A 534 2.71 48.68 3.37
N GLU A 535 1.48 48.32 3.00
CA GLU A 535 0.92 47.00 3.30
C GLU A 535 1.66 45.87 2.55
N GLN A 536 2.00 46.11 1.29
CA GLN A 536 2.73 45.12 0.46
C GLN A 536 4.08 44.67 1.04
N LEU A 537 4.79 45.61 1.67
CA LEU A 537 6.09 45.32 2.31
C LEU A 537 5.98 44.30 3.45
N GLN A 538 4.92 44.41 4.25
CA GLN A 538 4.66 43.48 5.37
C GLN A 538 4.28 42.09 4.88
N LEU A 539 3.41 42.02 3.87
CA LEU A 539 2.94 40.75 3.29
C LEU A 539 4.08 40.00 2.59
N ARG A 540 4.88 40.73 1.81
CA ARG A 540 6.14 40.22 1.24
C ARG A 540 6.95 39.49 2.32
N GLU A 541 7.21 40.20 3.41
CA GLU A 541 8.00 39.69 4.54
C GLU A 541 7.40 38.42 5.13
N ILE A 542 6.08 38.44 5.32
CA ILE A 542 5.35 37.29 5.87
C ILE A 542 5.30 36.08 4.92
N LEU A 543 5.06 36.33 3.64
CA LEU A 543 4.96 35.24 2.63
C LEU A 543 6.32 34.80 2.11
N GLU A 544 7.05 35.72 1.49
CA GLU A 544 8.37 35.46 0.91
C GLU A 544 9.44 35.37 2.02
N ARG A 545 9.83 34.14 2.36
CA ARG A 545 10.88 33.89 3.37
C ARG A 545 11.52 32.50 3.21
N GLU A 550 2.69 27.40 10.23
CA GLU A 550 2.28 27.92 11.54
C GLU A 550 2.64 29.42 11.69
N LEU A 551 1.75 30.27 11.17
CA LEU A 551 1.83 31.73 11.33
C LEU A 551 1.21 32.17 12.66
N TYR A 552 1.33 33.45 12.97
CA TYR A 552 0.94 33.98 14.29
C TYR A 552 -0.32 34.85 14.17
N GLU A 553 -1.08 34.93 15.27
CA GLU A 553 -2.29 35.76 15.39
C GLU A 553 -2.22 37.04 14.57
N HIS A 554 -1.15 37.80 14.81
CA HIS A 554 -0.86 39.06 14.13
C HIS A 554 -0.81 38.90 12.63
N GLU A 555 0.02 37.95 12.21
CA GLU A 555 0.32 37.74 10.79
C GLU A 555 -0.91 37.21 10.02
N LYS A 556 -1.61 36.26 10.63
CA LYS A 556 -2.87 35.70 10.08
C LYS A 556 -3.91 36.77 9.69
N ASP A 557 -4.07 37.78 10.55
CA ASP A 557 -5.04 38.86 10.31
C ASP A 557 -4.70 39.74 9.10
N LEU A 558 -3.40 39.96 8.87
CA LEU A 558 -2.94 40.77 7.74
C LEU A 558 -3.22 40.08 6.42
N VAL A 559 -2.79 38.82 6.32
CA VAL A 559 -2.94 38.03 5.10
C VAL A 559 -4.41 37.99 4.67
N TRP A 560 -5.33 37.89 5.63
CA TRP A 560 -6.76 37.82 5.36
C TRP A 560 -7.30 39.08 4.75
N LYS A 561 -6.85 40.22 5.25
CA LYS A 561 -7.18 41.51 4.63
C LYS A 561 -6.68 41.56 3.19
N LEU A 562 -5.41 41.20 2.99
CA LEU A 562 -4.76 41.29 1.66
C LEU A 562 -4.84 39.97 0.89
N ARG A 563 -5.91 39.22 1.14
CA ARG A 563 -6.15 37.94 0.49
C ARG A 563 -6.31 38.08 -1.03
N HIS A 564 -6.79 39.23 -1.50
CA HIS A 564 -6.88 39.47 -2.94
C HIS A 564 -5.54 39.72 -3.58
N GLU A 565 -4.66 40.44 -2.85
CA GLU A 565 -3.28 40.63 -3.30
C GLU A 565 -2.47 39.33 -3.29
N VAL A 566 -2.79 38.44 -2.36
CA VAL A 566 -2.18 37.10 -2.35
C VAL A 566 -2.50 36.36 -3.66
N GLN A 567 -3.77 36.42 -4.08
CA GLN A 567 -4.19 35.78 -5.34
C GLN A 567 -3.52 36.41 -6.54
N GLU A 568 -3.39 37.74 -6.51
CA GLU A 568 -2.81 38.49 -7.61
C GLU A 568 -1.28 38.31 -7.69
N HIS A 569 -0.59 38.52 -6.56
CA HIS A 569 0.88 38.61 -6.55
C HIS A 569 1.64 37.50 -5.87
N PHE A 570 0.93 36.62 -5.16
CA PHE A 570 1.60 35.52 -4.42
C PHE A 570 0.88 34.19 -4.61
N PRO A 571 0.59 33.84 -5.88
CA PRO A 571 -0.28 32.69 -6.15
C PRO A 571 0.19 31.39 -5.49
N GLU A 572 1.50 31.25 -5.29
CA GLU A 572 2.08 30.08 -4.58
C GLU A 572 1.73 30.02 -3.09
N ALA A 573 1.40 31.16 -2.48
CA ALA A 573 1.02 31.21 -1.06
C ALA A 573 -0.45 30.85 -0.77
N LEU A 574 -1.10 30.08 -1.65
CA LEU A 574 -2.47 29.65 -1.44
C LEU A 574 -2.59 28.85 -0.16
N ALA A 575 -1.66 27.92 0.05
CA ALA A 575 -1.66 27.10 1.28
C ALA A 575 -1.62 27.99 2.52
N ARG A 576 -0.73 28.98 2.52
CA ARG A 576 -0.63 29.90 3.66
C ARG A 576 -1.97 30.59 3.95
N LEU A 577 -2.66 30.98 2.89
CA LEU A 577 -3.94 31.68 2.99
C LEU A 577 -5.09 30.78 3.47
N LEU A 578 -5.15 29.55 2.96
CA LEU A 578 -6.21 28.61 3.37
C LEU A 578 -6.23 28.44 4.90
N LEU A 579 -5.07 28.17 5.49
CA LEU A 579 -4.96 28.03 6.96
C LEU A 579 -5.39 29.28 7.72
N VAL A 580 -5.13 30.47 7.18
CA VAL A 580 -5.50 31.71 7.87
C VAL A 580 -7.00 32.05 7.76
N THR A 581 -7.73 31.36 6.88
CA THR A 581 -9.19 31.50 6.79
C THR A 581 -9.87 30.94 8.03
N LYS A 582 -10.85 31.68 8.57
CA LYS A 582 -11.63 31.22 9.71
C LYS A 582 -12.78 30.34 9.22
N TRP A 583 -12.56 29.01 9.27
CA TRP A 583 -13.51 28.03 8.74
C TRP A 583 -14.75 27.82 9.60
N ASN A 584 -14.73 28.37 10.82
CA ASN A 584 -15.89 28.38 11.74
C ASN A 584 -16.84 29.60 11.59
N LYS A 585 -16.79 30.26 10.44
CA LYS A 585 -17.73 31.34 10.07
C LYS A 585 -17.99 31.24 8.58
N HIS A 586 -19.26 31.07 8.19
CA HIS A 586 -19.61 30.76 6.80
C HIS A 586 -19.36 31.89 5.81
N GLU A 587 -19.34 33.12 6.30
CA GLU A 587 -19.04 34.29 5.46
C GLU A 587 -17.60 34.24 4.93
N ASP A 588 -16.64 34.01 5.83
CA ASP A 588 -15.24 33.85 5.46
C ASP A 588 -15.05 32.74 4.43
N VAL A 589 -15.62 31.58 4.75
CA VAL A 589 -15.52 30.38 3.89
C VAL A 589 -15.99 30.69 2.46
N ALA A 590 -17.09 31.43 2.31
CA ALA A 590 -17.58 31.84 0.99
C ALA A 590 -16.58 32.74 0.25
N GLN A 591 -15.95 33.66 0.98
CA GLN A 591 -14.96 34.58 0.40
C GLN A 591 -13.72 33.83 -0.12
N MET A 592 -13.22 32.87 0.66
CA MET A 592 -12.00 32.14 0.29
C MET A 592 -12.24 31.24 -0.91
N LEU A 593 -13.31 30.47 -0.84
CA LEU A 593 -13.76 29.64 -1.96
C LEU A 593 -13.99 30.46 -3.23
N TYR A 594 -14.54 31.67 -3.10
CA TYR A 594 -14.72 32.55 -4.26
C TYR A 594 -13.39 32.85 -4.93
N LEU A 595 -12.38 33.16 -4.13
CA LEU A 595 -11.03 33.38 -4.64
C LEU A 595 -10.50 32.10 -5.24
N LEU A 596 -10.71 30.99 -4.55
CA LEU A 596 -10.17 29.69 -4.97
C LEU A 596 -10.59 29.26 -6.38
N CYS A 597 -11.84 29.56 -6.74
CA CYS A 597 -12.40 29.17 -8.03
C CYS A 597 -11.73 29.90 -9.20
N SER A 598 -11.31 31.13 -8.96
CA SER A 598 -10.53 31.89 -9.95
C SER A 598 -9.02 31.93 -9.65
N TRP A 599 -8.52 30.94 -8.91
CA TRP A 599 -7.10 30.92 -8.56
C TRP A 599 -6.33 30.31 -9.71
N PRO A 600 -5.14 30.86 -10.05
CA PRO A 600 -4.36 30.28 -11.16
C PRO A 600 -3.78 28.89 -10.88
N GLU A 601 -3.70 28.06 -11.93
CA GLU A 601 -3.09 26.74 -11.82
C GLU A 601 -1.68 26.85 -11.17
N LEU A 602 -1.45 26.06 -10.13
CA LEU A 602 -0.16 26.01 -9.44
C LEU A 602 0.68 24.85 -9.98
N PRO A 603 2.01 24.90 -9.83
CA PRO A 603 2.85 23.77 -10.28
C PRO A 603 2.60 22.54 -9.45
N VAL A 604 3.03 21.39 -9.95
CA VAL A 604 2.91 20.11 -9.24
C VAL A 604 3.37 20.20 -7.80
N LEU A 605 4.55 20.77 -7.61
CA LEU A 605 5.17 20.89 -6.28
C LEU A 605 4.21 21.51 -5.25
N SER A 606 3.47 22.55 -5.64
CA SER A 606 2.53 23.20 -4.72
C SER A 606 1.27 22.34 -4.46
N ALA A 607 0.71 21.78 -5.54
CA ALA A 607 -0.43 20.87 -5.45
C ALA A 607 -0.21 19.73 -4.43
N LEU A 608 1.00 19.16 -4.40
CA LEU A 608 1.32 18.08 -3.45
C LEU A 608 1.15 18.52 -1.99
N GLU A 609 1.58 19.74 -1.68
CA GLU A 609 1.35 20.31 -0.37
C GLU A 609 -0.14 20.36 -0.05
N LEU A 610 -0.96 20.73 -1.04
CA LEU A 610 -2.40 20.91 -0.82
C LEU A 610 -3.14 19.61 -0.54
N LEU A 611 -2.59 18.49 -1.00
CA LEU A 611 -3.16 17.17 -0.66
C LEU A 611 -3.03 16.77 0.81
N ASP A 612 -2.31 17.53 1.62
CA ASP A 612 -2.09 17.18 3.02
C ASP A 612 -3.40 17.29 3.84
N PHE A 613 -3.45 16.61 4.98
CA PHE A 613 -4.63 16.61 5.85
C PHE A 613 -5.12 18.00 6.27
N SER A 614 -4.18 18.92 6.49
CA SER A 614 -4.49 20.33 6.83
C SER A 614 -5.54 21.03 5.96
N PHE A 615 -5.73 20.54 4.72
CA PHE A 615 -6.63 21.12 3.74
C PHE A 615 -7.74 20.13 3.33
N PRO A 616 -8.78 19.98 4.19
CA PRO A 616 -9.80 18.95 3.94
C PRO A 616 -10.92 19.37 3.00
N ASP A 617 -11.13 20.67 2.81
CA ASP A 617 -12.19 21.14 1.91
C ASP A 617 -12.13 20.45 0.54
N CYS A 618 -13.28 19.92 0.12
CA CYS A 618 -13.41 19.28 -1.17
C CYS A 618 -12.91 20.17 -2.33
N HIS A 619 -13.18 21.47 -2.25
CA HIS A 619 -12.79 22.42 -3.32
C HIS A 619 -11.30 22.58 -3.45
N VAL A 620 -10.59 22.43 -2.33
CA VAL A 620 -9.13 22.51 -2.31
C VAL A 620 -8.51 21.29 -2.99
N GLY A 621 -9.03 20.11 -2.66
CA GLY A 621 -8.57 18.85 -3.25
C GLY A 621 -8.77 18.88 -4.74
N SER A 622 -9.91 19.40 -5.18
CA SER A 622 -10.20 19.49 -6.60
C SER A 622 -9.14 20.37 -7.27
N PHE A 623 -8.80 21.51 -6.66
CA PHE A 623 -7.75 22.37 -7.21
C PHE A 623 -6.41 21.64 -7.28
N ALA A 624 -6.07 20.93 -6.20
CA ALA A 624 -4.85 20.10 -6.17
C ALA A 624 -4.77 19.15 -7.37
N ILE A 625 -5.76 18.25 -7.50
CA ILE A 625 -5.84 17.25 -8.59
C ILE A 625 -5.83 17.95 -9.95
N LYS A 626 -6.57 19.05 -10.06
CA LYS A 626 -6.57 19.86 -11.29
C LYS A 626 -5.12 20.20 -11.73
N SER A 627 -4.29 20.60 -10.76
CA SER A 627 -2.87 20.92 -10.99
C SER A 627 -1.92 19.71 -11.15
N LEU A 628 -2.32 18.54 -10.64
CA LEU A 628 -1.60 17.29 -10.88
C LEU A 628 -1.92 16.59 -12.20
N ARG A 629 -2.94 17.06 -12.92
CA ARG A 629 -3.28 16.44 -14.20
C ARG A 629 -2.19 16.65 -15.26
N LYS A 630 -1.35 17.66 -15.09
CA LYS A 630 -0.21 17.83 -16.02
C LYS A 630 0.93 16.82 -15.83
N LEU A 631 0.90 16.02 -14.76
CA LEU A 631 1.85 14.92 -14.58
C LEU A 631 1.94 13.94 -15.74
N THR A 632 3.17 13.65 -16.15
CA THR A 632 3.51 12.53 -17.03
C THR A 632 3.45 11.28 -16.19
N ASP A 633 3.25 10.15 -16.84
CA ASP A 633 3.17 8.87 -16.13
C ASP A 633 4.50 8.60 -15.41
N ASP A 634 5.63 8.89 -16.05
CA ASP A 634 6.92 8.65 -15.38
C ASP A 634 7.03 9.39 -14.04
N GLU A 635 6.57 10.65 -14.03
CA GLU A 635 6.65 11.44 -12.82
C GLU A 635 5.59 11.00 -11.81
N LEU A 636 4.34 10.83 -12.25
CA LEU A 636 3.25 10.36 -11.38
C LEU A 636 3.66 9.13 -10.61
N PHE A 637 4.33 8.22 -11.30
CA PHE A 637 4.86 7.02 -10.69
C PHE A 637 5.79 7.28 -9.48
N GLN A 638 6.63 8.33 -9.55
CA GLN A 638 7.49 8.70 -8.39
C GLN A 638 6.68 9.05 -7.14
N TYR A 639 5.43 9.49 -7.30
CA TYR A 639 4.59 9.90 -6.18
C TYR A 639 3.40 8.97 -5.91
N LEU A 640 3.31 7.84 -6.62
CA LEU A 640 2.15 6.96 -6.47
C LEU A 640 1.93 6.49 -5.03
N LEU A 641 3.00 6.06 -4.37
CA LEU A 641 2.91 5.65 -2.97
C LEU A 641 2.30 6.74 -2.11
N GLN A 642 2.69 7.99 -2.34
CA GLN A 642 2.29 9.06 -1.43
C GLN A 642 0.85 9.33 -1.66
N LEU A 643 0.51 9.51 -2.93
CA LEU A 643 -0.89 9.68 -3.35
C LEU A 643 -1.82 8.59 -2.77
N VAL A 644 -1.40 7.34 -2.83
CA VAL A 644 -2.20 6.28 -2.23
C VAL A 644 -2.46 6.51 -0.73
N GLN A 645 -1.45 6.91 0.02
CA GLN A 645 -1.61 7.09 1.49
C GLN A 645 -2.55 8.22 1.86
N VAL A 646 -2.49 9.29 1.07
CA VAL A 646 -3.41 10.44 1.14
C VAL A 646 -4.90 10.05 1.05
N LEU A 647 -5.23 8.93 0.40
CA LEU A 647 -6.61 8.41 0.40
C LEU A 647 -7.15 8.15 1.83
N LYS A 648 -6.27 7.83 2.76
CA LYS A 648 -6.65 7.62 4.16
C LYS A 648 -7.10 8.92 4.87
N TYR A 649 -6.91 10.07 4.23
CA TYR A 649 -7.33 11.36 4.78
C TYR A 649 -8.71 11.75 4.28
N GLU A 650 -9.19 11.07 3.25
CA GLU A 650 -10.43 11.47 2.60
C GLU A 650 -11.64 11.21 3.50
N SER A 651 -12.70 11.98 3.27
CA SER A 651 -13.92 11.88 4.07
C SER A 651 -14.92 10.89 3.44
N TYR A 652 -15.17 11.10 2.16
CA TYR A 652 -16.09 10.30 1.37
C TYR A 652 -15.32 9.34 0.48
N LEU A 653 -16.00 8.33 -0.05
CA LEU A 653 -15.38 7.31 -0.89
C LEU A 653 -15.14 7.88 -2.29
N ASP A 654 -16.22 8.37 -2.88
CA ASP A 654 -16.16 9.05 -4.18
C ASP A 654 -15.47 10.41 -3.97
N CYS A 655 -14.25 10.54 -4.48
CA CYS A 655 -13.47 11.78 -4.37
C CYS A 655 -12.66 12.02 -5.64
N GLU A 656 -12.25 13.26 -5.86
CA GLU A 656 -11.38 13.59 -7.01
C GLU A 656 -10.06 12.77 -7.09
N LEU A 657 -9.43 12.53 -5.94
CA LEU A 657 -8.24 11.69 -5.91
C LEU A 657 -8.49 10.25 -6.38
N THR A 658 -9.54 9.58 -5.87
CA THR A 658 -9.85 8.21 -6.32
C THR A 658 -10.09 8.20 -7.83
N LYS A 659 -10.83 9.17 -8.34
CA LYS A 659 -11.10 9.20 -9.78
C LYS A 659 -9.82 9.41 -10.54
N PHE A 660 -8.98 10.32 -10.03
CA PHE A 660 -7.72 10.65 -10.68
C PHE A 660 -6.86 9.42 -10.83
N LEU A 661 -6.65 8.74 -9.71
CA LEU A 661 -5.87 7.50 -9.67
C LEU A 661 -6.43 6.42 -10.60
N LEU A 662 -7.77 6.30 -10.65
CA LEU A 662 -8.42 5.36 -11.56
C LEU A 662 -8.25 5.81 -13.01
N ASP A 663 -8.47 7.09 -13.33
CA ASP A 663 -8.13 7.61 -14.70
C ASP A 663 -6.71 7.19 -15.14
N ARG A 664 -5.70 7.37 -14.29
CA ARG A 664 -4.32 7.06 -14.68
C ARG A 664 -4.06 5.55 -14.76
N ALA A 665 -4.62 4.78 -13.83
CA ALA A 665 -4.51 3.29 -13.83
C ALA A 665 -5.07 2.67 -15.12
N LEU A 666 -6.15 3.26 -15.62
CA LEU A 666 -6.81 2.77 -16.81
C LEU A 666 -6.06 3.22 -18.08
N ALA A 667 -5.36 4.36 -18.04
CA ALA A 667 -4.65 4.83 -19.23
C ALA A 667 -3.28 4.15 -19.35
N ASN A 668 -2.70 3.72 -18.23
CA ASN A 668 -1.37 3.13 -18.15
C ASN A 668 -1.36 1.86 -17.27
N ARG A 669 -1.00 0.73 -17.87
CA ARG A 669 -1.05 -0.58 -17.19
C ARG A 669 0.02 -0.75 -16.07
N LYS A 670 1.17 -0.09 -16.19
CA LYS A 670 2.22 -0.13 -15.15
C LYS A 670 1.74 0.61 -13.89
N ILE A 671 1.17 1.78 -14.06
CA ILE A 671 0.58 2.52 -12.94
C ILE A 671 -0.54 1.69 -12.30
N GLY A 672 -1.41 1.14 -13.14
CA GLY A 672 -2.47 0.21 -12.70
C GLY A 672 -1.93 -0.92 -11.84
N HIS A 673 -0.83 -1.51 -12.30
CA HIS A 673 -0.16 -2.58 -11.54
C HIS A 673 0.25 -2.16 -10.14
N PHE A 674 0.96 -1.05 -10.01
CA PHE A 674 1.43 -0.67 -8.69
C PHE A 674 0.31 -0.06 -7.87
N LEU A 675 -0.63 0.60 -8.55
CA LEU A 675 -1.85 1.00 -7.85
C LEU A 675 -2.46 -0.25 -7.20
N PHE A 676 -2.63 -1.30 -8.01
CA PHE A 676 -3.16 -2.54 -7.47
C PHE A 676 -2.43 -2.97 -6.21
N TRP A 677 -1.12 -3.18 -6.30
CA TRP A 677 -0.38 -3.77 -5.16
C TRP A 677 -0.31 -2.87 -3.94
N HIS A 678 -0.15 -1.55 -4.16
CA HIS A 678 -0.22 -0.59 -3.04
C HIS A 678 -1.51 -0.72 -2.30
N LEU A 679 -2.64 -0.80 -3.03
CA LEU A 679 -3.97 -0.97 -2.38
C LEU A 679 -4.16 -2.36 -1.78
N ARG A 680 -3.74 -3.39 -2.52
CA ARG A 680 -3.91 -4.77 -2.12
C ARG A 680 -3.16 -5.06 -0.85
N SER A 681 -1.91 -4.63 -0.78
CA SER A 681 -1.05 -4.89 0.39
C SER A 681 -1.51 -4.29 1.72
N GLU A 682 -2.52 -3.42 1.71
CA GLU A 682 -3.16 -2.92 2.94
C GLU A 682 -4.62 -3.42 3.21
N MET A 683 -5.09 -4.44 2.49
CA MET A 683 -6.47 -4.96 2.68
C MET A 683 -6.71 -5.66 4.03
N HIS A 684 -5.63 -6.09 4.69
CA HIS A 684 -5.70 -6.57 6.08
C HIS A 684 -5.97 -5.49 7.09
N VAL A 685 -5.77 -4.21 6.74
CA VAL A 685 -5.88 -3.10 7.70
C VAL A 685 -7.33 -2.66 7.81
N PRO A 686 -7.94 -2.85 8.98
CA PRO A 686 -9.39 -2.60 9.04
C PRO A 686 -9.82 -1.21 8.58
N SER A 687 -9.02 -0.20 8.89
CA SER A 687 -9.40 1.20 8.64
C SER A 687 -9.47 1.57 7.17
N VAL A 688 -8.87 0.78 6.29
CA VAL A 688 -8.87 1.04 4.84
C VAL A 688 -9.44 -0.11 3.97
N ALA A 689 -9.65 -1.30 4.52
CA ALA A 689 -10.21 -2.46 3.76
C ALA A 689 -11.36 -2.12 2.80
N LEU A 690 -12.35 -1.40 3.35
CA LEU A 690 -13.53 -0.99 2.60
C LEU A 690 -13.19 0.01 1.52
N ARG A 691 -12.42 1.05 1.87
CA ARG A 691 -12.12 2.09 0.86
C ARG A 691 -11.35 1.47 -0.27
N PHE A 692 -10.28 0.78 0.10
CA PHE A 692 -9.39 0.15 -0.87
C PHE A 692 -10.08 -0.93 -1.65
N GLY A 693 -10.87 -1.76 -0.96
CA GLY A 693 -11.64 -2.79 -1.63
C GLY A 693 -12.44 -2.25 -2.82
N LEU A 694 -13.11 -1.13 -2.61
CA LEU A 694 -13.96 -0.56 -3.64
C LEU A 694 -13.14 -0.05 -4.82
N ILE A 695 -11.97 0.53 -4.56
CA ILE A 695 -11.09 0.99 -5.64
C ILE A 695 -10.56 -0.19 -6.44
N LEU A 696 -10.12 -1.24 -5.74
CA LEU A 696 -9.64 -2.44 -6.40
C LEU A 696 -10.69 -3.11 -7.32
N GLU A 697 -11.96 -3.11 -6.90
CA GLU A 697 -13.03 -3.69 -7.72
C GLU A 697 -13.16 -2.91 -9.02
N ALA A 698 -13.30 -1.58 -8.87
CA ALA A 698 -13.35 -0.67 -10.00
C ALA A 698 -12.14 -0.85 -10.91
N TYR A 699 -10.96 -0.99 -10.34
CA TYR A 699 -9.74 -1.15 -11.16
C TYR A 699 -9.89 -2.38 -12.03
N CYS A 700 -10.25 -3.49 -11.39
CA CYS A 700 -10.28 -4.80 -12.04
C CYS A 700 -11.20 -4.80 -13.25
N ARG A 701 -12.40 -4.28 -13.04
CA ARG A 701 -13.43 -4.15 -14.08
C ARG A 701 -13.02 -3.44 -15.37
N GLY A 702 -12.12 -2.46 -15.25
CA GLY A 702 -11.54 -1.80 -16.41
C GLY A 702 -10.19 -2.38 -16.85
N SER A 703 -9.81 -3.54 -16.29
CA SER A 703 -8.47 -4.11 -16.47
C SER A 703 -8.55 -5.64 -16.49
N THR A 704 -9.45 -6.18 -17.32
CA THR A 704 -9.63 -7.63 -17.38
C THR A 704 -8.36 -8.34 -17.87
N HIS A 705 -7.58 -7.70 -18.76
CA HIS A 705 -6.32 -8.27 -19.22
C HIS A 705 -5.41 -8.45 -18.06
N HIS A 706 -5.20 -7.35 -17.34
CA HIS A 706 -4.24 -7.39 -16.24
C HIS A 706 -4.69 -8.24 -15.08
N MET A 707 -5.99 -8.33 -14.85
CA MET A 707 -6.54 -9.26 -13.85
C MET A 707 -5.91 -10.63 -13.99
N LYS A 708 -5.84 -11.13 -15.23
CA LYS A 708 -5.30 -12.47 -15.51
C LYS A 708 -3.88 -12.57 -15.03
N VAL A 709 -3.11 -11.50 -15.24
CA VAL A 709 -1.74 -11.46 -14.72
C VAL A 709 -1.73 -11.36 -13.20
N LEU A 710 -2.51 -10.43 -12.65
CA LEU A 710 -2.53 -10.24 -11.19
C LEU A 710 -3.00 -11.47 -10.44
N MET A 711 -4.00 -12.17 -11.00
CA MET A 711 -4.42 -13.48 -10.51
C MET A 711 -3.25 -14.44 -10.37
N LYS A 712 -2.50 -14.66 -11.45
CA LYS A 712 -1.34 -15.58 -11.40
C LYS A 712 -0.34 -15.17 -10.30
N GLN A 713 -0.08 -13.87 -10.16
CA GLN A 713 0.88 -13.38 -9.16
C GLN A 713 0.44 -13.68 -7.73
N GLY A 714 -0.84 -13.46 -7.45
CA GLY A 714 -1.41 -13.69 -6.12
C GLY A 714 -1.31 -15.14 -5.65
N GLU A 715 -1.27 -16.06 -6.60
CA GLU A 715 -1.18 -17.48 -6.30
C GLU A 715 0.24 -17.95 -6.16
N ALA A 716 1.14 -17.37 -6.93
CA ALA A 716 2.59 -17.48 -6.65
C ALA A 716 2.78 -17.05 -5.20
N LEU A 717 2.26 -15.86 -4.90
CA LEU A 717 2.39 -15.29 -3.56
C LEU A 717 1.78 -16.17 -2.48
N SER A 718 0.68 -16.83 -2.81
CA SER A 718 -0.04 -17.68 -1.86
C SER A 718 0.68 -19.00 -1.58
N LYS A 719 1.35 -19.53 -2.60
CA LYS A 719 2.17 -20.74 -2.46
C LYS A 719 3.46 -20.46 -1.70
N LEU A 720 4.13 -19.34 -2.04
CA LEU A 720 5.32 -18.90 -1.31
C LEU A 720 5.06 -18.70 0.20
N LYS A 721 3.91 -18.13 0.55
CA LYS A 721 3.53 -17.96 1.96
C LYS A 721 3.54 -19.32 2.63
N ALA A 722 2.83 -20.25 2.02
CA ALA A 722 2.76 -21.62 2.51
C ALA A 722 4.15 -22.28 2.52
N LEU A 723 4.94 -22.01 1.49
CA LEU A 723 6.29 -22.56 1.40
C LEU A 723 7.18 -22.01 2.51
N ASN A 724 7.09 -20.70 2.78
CA ASN A 724 7.86 -20.11 3.88
C ASN A 724 7.42 -20.66 5.25
N ASP A 725 6.11 -20.77 5.47
CA ASP A 725 5.55 -21.34 6.72
C ASP A 725 6.03 -22.77 7.00
N PHE A 726 6.23 -23.56 5.94
CA PHE A 726 6.80 -24.90 6.04
C PHE A 726 8.27 -24.79 6.48
N VAL A 727 9.05 -24.01 5.75
CA VAL A 727 10.47 -23.82 6.03
C VAL A 727 10.70 -23.36 7.49
N LYS A 728 10.03 -22.28 7.88
CA LYS A 728 9.99 -21.81 9.29
C LYS A 728 9.75 -22.93 10.32
N LEU A 729 8.68 -23.70 10.10
CA LEU A 729 8.26 -24.78 11.00
C LEU A 729 9.22 -25.99 10.98
N SER A 730 9.94 -26.14 9.87
CA SER A 730 10.97 -27.18 9.72
C SER A 730 12.35 -26.78 10.30
N SER A 731 12.68 -25.49 10.24
CA SER A 731 13.91 -24.95 10.87
C SER A 731 14.04 -25.29 12.34
N GLN A 732 12.91 -25.28 13.04
CA GLN A 732 12.82 -25.71 14.43
C GLN A 732 13.23 -27.19 14.60
N LYS A 733 12.67 -28.05 13.74
CA LYS A 733 12.87 -29.50 13.82
C LYS A 733 14.26 -29.93 13.37
N THR A 734 14.63 -29.59 12.14
CA THR A 734 15.82 -30.11 11.46
C THR A 734 16.92 -29.04 11.23
N PRO A 735 18.14 -29.47 10.85
CA PRO A 735 19.17 -28.55 10.35
C PRO A 735 18.95 -28.12 8.88
N LYS A 736 19.80 -27.22 8.38
CA LYS A 736 19.52 -26.49 7.13
C LYS A 736 19.56 -27.30 5.81
N PRO A 737 20.65 -28.07 5.55
CA PRO A 737 20.76 -28.82 4.29
C PRO A 737 19.56 -29.74 3.98
N GLN A 738 19.10 -30.47 5.00
CA GLN A 738 17.88 -31.27 4.91
C GLN A 738 16.62 -30.40 4.75
N THR A 739 16.56 -29.27 5.45
CA THR A 739 15.45 -28.31 5.30
C THR A 739 15.42 -27.73 3.88
N LYS A 740 16.60 -27.42 3.35
CA LYS A 740 16.78 -26.95 1.96
C LYS A 740 16.23 -27.94 0.92
N GLU A 741 16.35 -29.25 1.18
CA GLU A 741 15.82 -30.28 0.28
C GLU A 741 14.33 -30.57 0.51
N LEU A 742 13.87 -30.47 1.75
CA LEU A 742 12.41 -30.58 2.06
C LEU A 742 11.61 -29.40 1.49
N MET A 743 12.28 -28.27 1.28
CA MET A 743 11.73 -27.13 0.53
C MET A 743 11.56 -27.55 -0.93
N HIS A 744 12.61 -28.15 -1.50
CA HIS A 744 12.63 -28.50 -2.92
C HIS A 744 11.55 -29.48 -3.30
N LEU A 745 11.29 -30.47 -2.44
CA LEU A 745 10.20 -31.44 -2.69
C LEU A 745 8.83 -30.76 -2.72
N CYS A 746 8.56 -29.91 -1.74
CA CYS A 746 7.31 -29.16 -1.69
C CYS A 746 7.13 -28.25 -2.90
N MET A 747 8.25 -27.72 -3.41
CA MET A 747 8.24 -26.90 -4.62
C MET A 747 7.98 -27.73 -5.88
N ARG A 748 8.54 -28.94 -5.91
CA ARG A 748 8.43 -29.83 -7.06
C ARG A 748 7.03 -30.46 -7.24
N GLN A 749 6.17 -30.35 -6.22
CA GLN A 749 4.73 -30.70 -6.34
C GLN A 749 4.06 -29.91 -7.47
N GLU A 750 3.24 -30.60 -8.28
CA GLU A 750 2.72 -30.04 -9.53
C GLU A 750 1.94 -28.72 -9.32
N ALA A 751 1.09 -28.70 -8.29
CA ALA A 751 0.29 -27.53 -7.93
C ALA A 751 1.14 -26.31 -7.54
N TYR A 752 2.21 -26.55 -6.79
CA TYR A 752 3.21 -25.50 -6.46
C TYR A 752 3.95 -25.03 -7.70
N LEU A 753 4.64 -25.96 -8.35
CA LEU A 753 5.52 -25.66 -9.49
C LEU A 753 4.80 -24.90 -10.61
N GLU A 754 3.60 -25.37 -10.98
CA GLU A 754 2.76 -24.64 -11.95
C GLU A 754 2.48 -23.20 -11.49
N ALA A 755 2.19 -23.05 -10.20
CA ALA A 755 1.83 -21.76 -9.62
C ALA A 755 3.02 -20.81 -9.50
N LEU A 756 4.17 -21.33 -9.05
CA LEU A 756 5.41 -20.54 -8.97
C LEU A 756 6.07 -20.27 -10.33
N SER A 757 5.78 -21.07 -11.36
CA SER A 757 6.39 -20.88 -12.69
C SER A 757 5.53 -20.01 -13.58
N HIS A 758 6.17 -19.33 -14.53
CA HIS A 758 5.50 -18.66 -15.64
C HIS A 758 4.51 -17.63 -15.22
N LEU A 759 5.02 -16.59 -14.59
CA LEU A 759 4.24 -15.43 -14.21
C LEU A 759 5.05 -14.17 -14.54
N GLN A 760 4.37 -13.05 -14.72
CA GLN A 760 5.03 -11.75 -14.75
C GLN A 760 5.41 -11.38 -13.33
N SER A 761 6.60 -10.80 -13.15
CA SER A 761 7.09 -10.44 -11.82
C SER A 761 6.26 -9.33 -11.24
N PRO A 762 5.84 -9.44 -9.97
CA PRO A 762 5.17 -8.31 -9.34
C PRO A 762 6.04 -7.07 -9.17
N LEU A 763 7.36 -7.26 -9.07
CA LEU A 763 8.32 -6.15 -8.90
C LEU A 763 8.49 -5.32 -10.18
N ASP A 764 8.41 -6.00 -11.31
CA ASP A 764 8.40 -5.34 -12.61
C ASP A 764 7.63 -6.26 -13.56
N PRO A 765 6.45 -5.81 -14.02
CA PRO A 765 5.63 -6.67 -14.89
C PRO A 765 6.18 -6.96 -16.28
N SER A 766 7.20 -6.22 -16.72
CA SER A 766 7.88 -6.52 -17.99
C SER A 766 8.82 -7.74 -17.87
N THR A 767 9.26 -8.07 -16.65
CA THR A 767 10.07 -9.27 -16.43
C THR A 767 9.19 -10.48 -16.39
N LEU A 768 9.55 -11.52 -17.14
CA LEU A 768 8.90 -12.81 -17.05
C LEU A 768 9.76 -13.72 -16.17
N LEU A 769 9.22 -14.07 -15.01
CA LEU A 769 9.68 -15.21 -14.23
C LEU A 769 9.10 -16.45 -14.94
N ALA A 770 9.93 -17.16 -15.69
CA ALA A 770 9.49 -18.27 -16.53
C ALA A 770 9.65 -19.60 -15.81
N GLU A 771 10.85 -20.18 -15.86
CA GLU A 771 11.12 -21.51 -15.29
C GLU A 771 11.84 -21.37 -13.94
N VAL A 772 11.15 -21.70 -12.85
CA VAL A 772 11.77 -21.73 -11.51
C VAL A 772 12.89 -22.77 -11.47
N CYS A 773 14.02 -22.41 -10.86
CA CYS A 773 15.20 -23.28 -10.75
C CYS A 773 15.29 -23.79 -9.32
N VAL A 774 14.58 -24.88 -9.06
CA VAL A 774 14.41 -25.43 -7.70
C VAL A 774 15.75 -25.65 -6.99
N GLU A 775 16.73 -26.18 -7.72
CA GLU A 775 18.09 -26.42 -7.21
C GLU A 775 18.73 -25.14 -6.65
N GLN A 776 18.63 -24.04 -7.40
CA GLN A 776 19.22 -22.74 -7.02
C GLN A 776 18.43 -21.98 -5.93
N CYS A 777 17.16 -22.32 -5.74
CA CYS A 777 16.35 -21.74 -4.66
C CYS A 777 16.91 -22.08 -3.29
N THR A 778 16.59 -21.26 -2.29
CA THR A 778 16.97 -21.50 -0.89
C THR A 778 16.28 -20.52 0.08
N PHE A 779 16.75 -20.50 1.33
CA PHE A 779 16.36 -19.49 2.32
C PHE A 779 17.54 -19.11 3.22
N MET A 780 17.53 -17.86 3.71
CA MET A 780 18.48 -17.39 4.73
C MET A 780 17.91 -17.71 6.10
N ASP A 781 18.78 -18.08 7.05
CA ASP A 781 18.37 -18.34 8.43
C ASP A 781 18.57 -17.07 9.29
N SER A 782 17.82 -16.04 8.93
CA SER A 782 17.67 -14.82 9.72
C SER A 782 16.41 -15.03 10.55
N LYS A 783 15.90 -13.96 11.16
CA LYS A 783 14.71 -14.08 12.02
C LYS A 783 13.46 -14.52 11.25
N MET A 784 13.13 -13.78 10.19
CA MET A 784 11.92 -14.07 9.38
C MET A 784 12.08 -15.15 8.32
N LYS A 785 13.29 -15.69 8.21
CA LYS A 785 13.60 -16.83 7.35
C LYS A 785 13.15 -16.61 5.89
N PRO A 786 13.60 -15.51 5.28
CA PRO A 786 13.20 -15.15 3.91
C PRO A 786 13.66 -16.15 2.86
N LEU A 787 12.90 -16.25 1.78
CA LEU A 787 13.14 -17.22 0.71
C LEU A 787 13.82 -16.56 -0.47
N TRP A 788 14.67 -17.32 -1.14
CA TRP A 788 15.45 -16.86 -2.28
C TRP A 788 15.07 -17.75 -3.44
N ILE A 789 14.35 -17.20 -4.42
CA ILE A 789 13.77 -17.99 -5.51
C ILE A 789 14.41 -17.55 -6.80
N MET A 790 15.02 -18.50 -7.52
CA MET A 790 15.73 -18.21 -8.77
C MET A 790 14.98 -18.75 -9.98
N TYR A 791 14.83 -17.90 -11.00
CA TYR A 791 14.20 -18.27 -12.28
C TYR A 791 15.22 -18.23 -13.40
N SER A 792 15.16 -19.18 -14.33
CA SER A 792 15.87 -19.08 -15.59
C SER A 792 14.83 -18.93 -16.72
N ASN A 793 14.58 -17.68 -17.10
CA ASN A 793 13.71 -17.37 -18.24
C ASN A 793 14.47 -17.45 -19.56
N GLU A 794 13.82 -18.03 -20.56
CA GLU A 794 14.40 -18.15 -21.90
C GLU A 794 14.39 -16.79 -22.61
N GLU A 795 15.21 -16.68 -23.66
CA GLU A 795 15.31 -15.52 -24.56
C GLU A 795 16.17 -14.37 -24.02
N ALA A 796 16.15 -14.15 -22.69
CA ALA A 796 17.09 -13.22 -22.05
C ALA A 796 18.53 -13.78 -22.06
N GLY A 797 19.53 -12.88 -22.01
CA GLY A 797 20.95 -13.25 -22.10
C GLY A 797 21.70 -13.28 -20.75
N SER A 798 22.47 -12.23 -20.46
CA SER A 798 23.22 -12.10 -19.20
C SER A 798 22.27 -12.01 -17.99
N GLY A 799 21.14 -11.33 -18.18
CA GLY A 799 20.00 -11.40 -17.26
C GLY A 799 19.00 -12.48 -17.66
N GLY A 800 19.52 -13.65 -18.07
CA GLY A 800 18.72 -14.87 -18.29
C GLY A 800 18.50 -15.66 -17.01
N SER A 801 19.05 -15.15 -15.90
CA SER A 801 18.71 -15.54 -14.56
C SER A 801 18.18 -14.29 -13.82
N VAL A 802 17.14 -14.47 -13.01
CA VAL A 802 16.54 -13.38 -12.19
C VAL A 802 16.04 -14.01 -10.90
N GLY A 803 16.05 -13.23 -9.83
CA GLY A 803 15.69 -13.75 -8.53
C GLY A 803 14.72 -12.84 -7.83
N ILE A 804 14.00 -13.42 -6.87
CA ILE A 804 13.11 -12.64 -6.02
C ILE A 804 13.30 -13.16 -4.60
N ILE A 805 13.20 -12.26 -3.62
CA ILE A 805 13.16 -12.67 -2.23
C ILE A 805 11.72 -12.56 -1.75
N PHE A 806 11.22 -13.58 -1.08
CA PHE A 806 9.90 -13.53 -0.44
C PHE A 806 10.14 -13.44 1.08
N LYS A 807 9.88 -12.26 1.63
CA LYS A 807 10.04 -12.03 3.06
C LYS A 807 8.64 -12.02 3.67
N ASN A 808 8.44 -12.74 4.76
CA ASN A 808 7.15 -12.75 5.46
C ASN A 808 7.38 -12.73 6.97
N GLY A 809 6.73 -11.78 7.65
CA GLY A 809 6.84 -11.62 9.11
C GLY A 809 7.27 -10.20 9.51
N ASP A 810 7.97 -9.51 8.61
CA ASP A 810 8.31 -8.10 8.77
C ASP A 810 7.50 -7.25 7.83
N ASP A 811 7.42 -5.99 8.22
CA ASP A 811 6.79 -4.95 7.44
C ASP A 811 7.91 -4.40 6.53
N LEU A 812 7.59 -4.17 5.25
CA LEU A 812 8.56 -3.76 4.23
C LEU A 812 8.37 -2.32 3.74
N ARG A 813 7.44 -1.60 4.36
CA ARG A 813 6.98 -0.33 3.83
C ARG A 813 8.04 0.75 3.98
N GLN A 814 8.65 0.83 5.16
CA GLN A 814 9.75 1.74 5.40
C GLN A 814 10.98 1.46 4.52
N ASP A 815 11.19 0.19 4.20
CA ASP A 815 12.27 -0.21 3.29
C ASP A 815 11.97 0.33 1.89
N MET A 816 10.70 0.23 1.47
CA MET A 816 10.28 0.69 0.15
C MET A 816 10.32 2.19 0.04
N LEU A 817 9.82 2.87 1.07
CA LEU A 817 9.77 4.33 1.06
C LEU A 817 11.17 4.81 0.83
N THR A 818 12.09 4.26 1.63
CA THR A 818 13.49 4.59 1.53
C THR A 818 14.04 4.35 0.14
N LEU A 819 13.75 3.20 -0.46
CA LEU A 819 14.21 2.90 -1.83
C LEU A 819 13.57 3.81 -2.85
N GLN A 820 12.25 4.02 -2.73
CA GLN A 820 11.53 4.97 -3.58
C GLN A 820 12.30 6.29 -3.57
N MET A 821 12.67 6.76 -2.37
CA MET A 821 13.36 8.04 -2.20
C MET A 821 14.75 8.03 -2.80
N ILE A 822 15.47 6.92 -2.70
CA ILE A 822 16.78 6.82 -3.33
C ILE A 822 16.62 6.80 -4.85
N GLN A 823 15.68 6.01 -5.37
CA GLN A 823 15.37 6.03 -6.81
C GLN A 823 15.08 7.47 -7.31
N LEU A 824 14.37 8.26 -6.50
CA LEU A 824 14.00 9.63 -6.86
C LEU A 824 15.21 10.50 -6.96
N MET A 825 16.12 10.34 -5.99
CA MET A 825 17.39 11.07 -5.99
C MET A 825 18.14 10.76 -7.27
N ASP A 826 18.32 9.46 -7.54
CA ASP A 826 18.94 8.97 -8.79
C ASP A 826 18.31 9.60 -10.04
N VAL A 827 17.00 9.81 -10.02
CA VAL A 827 16.33 10.46 -11.16
C VAL A 827 16.61 11.96 -11.19
N LEU A 828 16.55 12.61 -10.03
CA LEU A 828 16.95 14.02 -9.94
C LEU A 828 18.41 14.26 -10.32
N TRP A 829 19.29 13.34 -9.94
CA TRP A 829 20.70 13.43 -10.34
C TRP A 829 20.90 13.12 -11.79
N LYS A 830 20.26 12.05 -12.29
CA LYS A 830 20.34 11.69 -13.72
C LYS A 830 19.77 12.78 -14.61
N GLN A 831 18.79 13.53 -14.08
CA GLN A 831 18.22 14.68 -14.80
C GLN A 831 19.20 15.84 -15.08
N GLU A 832 20.31 15.94 -14.34
CA GLU A 832 21.36 16.94 -14.64
C GLU A 832 22.71 16.32 -15.06
N GLY A 833 22.67 15.14 -15.70
CA GLY A 833 23.87 14.53 -16.29
C GLY A 833 24.80 13.75 -15.36
N LEU A 834 24.38 13.58 -14.10
CA LEU A 834 25.14 12.84 -13.10
C LEU A 834 24.50 11.47 -12.91
N ASP A 835 25.13 10.44 -13.45
CA ASP A 835 24.80 9.07 -13.10
C ASP A 835 25.74 8.65 -11.98
N LEU A 836 25.19 8.43 -10.79
CA LEU A 836 25.97 7.94 -9.67
C LEU A 836 25.88 6.43 -9.49
N ARG A 837 25.49 5.68 -10.52
CA ARG A 837 25.58 4.22 -10.51
C ARG A 837 24.87 3.53 -9.33
N MET A 838 23.71 4.04 -8.97
CA MET A 838 22.94 3.48 -7.87
C MET A 838 22.35 2.14 -8.32
N THR A 839 21.83 1.39 -7.36
CA THR A 839 21.16 0.14 -7.63
C THR A 839 19.78 0.26 -6.96
N PRO A 840 18.87 1.03 -7.59
CA PRO A 840 17.52 1.14 -7.08
C PRO A 840 16.73 -0.16 -7.39
N TYR A 841 17.01 -1.18 -6.58
CA TYR A 841 16.42 -2.49 -6.76
C TYR A 841 14.95 -2.40 -6.35
N GLY A 842 14.13 -3.28 -6.91
CA GLY A 842 12.70 -3.33 -6.61
C GLY A 842 12.35 -3.84 -5.23
N CYS A 843 11.31 -3.23 -4.65
CA CYS A 843 10.80 -3.63 -3.35
C CYS A 843 9.30 -3.32 -3.30
N LEU A 844 8.48 -4.34 -3.08
CA LEU A 844 7.01 -4.21 -3.15
C LEU A 844 6.32 -4.95 -2.03
N PRO A 845 5.71 -4.22 -1.09
CA PRO A 845 4.73 -4.85 -0.20
C PRO A 845 3.54 -5.38 -0.98
N THR A 846 3.26 -6.68 -0.81
CA THR A 846 2.15 -7.37 -1.46
C THR A 846 1.03 -7.79 -0.52
N GLY A 847 1.31 -7.82 0.79
CA GLY A 847 0.37 -8.38 1.75
C GLY A 847 0.60 -7.95 3.17
N ASP A 848 -0.07 -8.62 4.11
CA ASP A 848 0.12 -8.46 5.57
C ASP A 848 1.52 -8.94 5.96
N ARG A 849 2.39 -7.99 6.35
CA ARG A 849 3.80 -8.25 6.69
C ARG A 849 4.41 -9.24 5.70
N THR A 850 4.22 -8.93 4.42
CA THR A 850 4.67 -9.79 3.33
C THR A 850 5.02 -8.94 2.12
N GLY A 851 6.14 -9.26 1.47
CA GLY A 851 6.48 -8.63 0.21
C GLY A 851 7.55 -9.39 -0.54
N LEU A 852 7.92 -8.81 -1.70
CA LEU A 852 9.02 -9.25 -2.53
C LEU A 852 10.11 -8.17 -2.63
N ILE A 853 11.35 -8.63 -2.84
CA ILE A 853 12.54 -7.80 -3.01
C ILE A 853 13.36 -8.37 -4.17
N GLU A 854 13.79 -7.49 -5.08
CA GLU A 854 14.48 -7.91 -6.31
C GLU A 854 15.88 -8.29 -5.91
N VAL A 855 16.37 -9.44 -6.36
CA VAL A 855 17.73 -9.82 -6.03
C VAL A 855 18.66 -9.09 -6.97
N VAL A 856 19.83 -8.76 -6.45
CA VAL A 856 20.91 -8.19 -7.22
C VAL A 856 21.96 -9.29 -7.26
N LEU A 857 22.10 -9.93 -8.43
CA LEU A 857 23.09 -11.01 -8.60
C LEU A 857 24.49 -10.42 -8.73
N ARG A 858 25.49 -11.31 -8.75
CA ARG A 858 26.89 -10.90 -8.85
C ARG A 858 27.12 -9.81 -7.79
N SER A 859 26.85 -10.15 -6.54
CA SER A 859 27.02 -9.24 -5.42
C SER A 859 27.25 -9.97 -4.10
N ASP A 860 27.92 -9.30 -3.17
CA ASP A 860 28.20 -9.87 -1.84
C ASP A 860 28.23 -8.75 -0.79
N THR A 861 28.08 -9.14 0.47
CA THR A 861 28.12 -8.19 1.58
C THR A 861 29.56 -7.96 1.96
N ILE A 862 29.86 -6.73 2.37
CA ILE A 862 31.20 -6.36 2.82
C ILE A 862 31.71 -7.26 3.94
N ALA A 863 30.83 -7.69 4.85
CA ALA A 863 31.19 -8.68 5.88
C ALA A 863 31.84 -9.91 5.28
N ASN A 864 31.23 -10.48 4.24
CA ASN A 864 31.76 -11.66 3.55
C ASN A 864 33.07 -11.38 2.79
N ILE A 865 33.04 -10.32 1.98
CA ILE A 865 34.21 -9.85 1.21
C ILE A 865 35.44 -9.62 2.09
N GLN A 866 35.21 -9.23 3.34
CA GLN A 866 36.28 -9.05 4.34
C GLN A 866 36.65 -10.35 5.12
N LEU A 867 36.65 -11.49 4.42
CA LEU A 867 36.99 -12.80 4.98
C LEU A 867 37.57 -13.73 3.91
N ASP A 881 43.79 -4.04 1.90
CA ASP A 881 43.31 -4.11 0.52
C ASP A 881 42.20 -5.17 0.35
N ALA A 882 41.41 -5.39 1.41
CA ALA A 882 40.46 -6.51 1.47
C ALA A 882 39.34 -6.37 0.43
N LEU A 883 38.67 -5.22 0.46
CA LEU A 883 37.74 -4.83 -0.61
C LEU A 883 38.45 -4.76 -1.96
N LEU A 884 39.62 -4.11 -1.98
CA LEU A 884 40.35 -3.81 -3.22
C LEU A 884 40.80 -5.06 -4.03
N ASN A 885 41.14 -6.13 -3.32
CA ASN A 885 41.51 -7.39 -3.96
C ASN A 885 40.32 -8.09 -4.60
N TRP A 886 39.21 -8.13 -3.85
CA TRP A 886 37.97 -8.71 -4.36
C TRP A 886 37.61 -8.11 -5.70
N LEU A 887 37.60 -6.79 -5.78
CA LEU A 887 37.40 -6.08 -7.06
C LEU A 887 38.44 -6.43 -8.12
N LYS A 888 39.70 -6.56 -7.72
CA LYS A 888 40.76 -6.99 -8.65
C LYS A 888 40.43 -8.35 -9.27
N SER A 889 40.08 -9.31 -8.42
CA SER A 889 39.72 -10.65 -8.90
C SER A 889 38.42 -10.67 -9.76
N LYS A 890 37.54 -9.68 -9.57
CA LYS A 890 36.33 -9.52 -10.40
C LYS A 890 36.51 -8.65 -11.65
N ASN A 891 37.45 -7.70 -11.59
CA ASN A 891 37.80 -6.83 -12.73
C ASN A 891 39.30 -6.95 -12.93
N PRO A 892 39.75 -8.06 -13.54
CA PRO A 892 41.19 -8.23 -13.76
C PRO A 892 41.69 -7.33 -14.89
N GLY A 893 42.99 -7.01 -14.86
CA GLY A 893 43.62 -6.24 -15.92
C GLY A 893 43.05 -4.83 -16.06
N GLU A 894 42.82 -4.41 -17.31
CA GLU A 894 42.37 -3.05 -17.63
C GLU A 894 40.90 -2.78 -17.30
N ALA A 895 40.19 -3.79 -16.79
CA ALA A 895 38.84 -3.59 -16.26
C ALA A 895 38.84 -2.78 -14.96
N LEU A 896 39.82 -3.04 -14.08
CA LEU A 896 39.83 -2.53 -12.69
C LEU A 896 39.54 -1.02 -12.54
N ASP A 897 40.00 -0.24 -13.50
CA ASP A 897 39.71 1.21 -13.56
C ASP A 897 38.21 1.47 -13.50
N ARG A 898 37.42 0.74 -14.30
CA ARG A 898 35.96 0.87 -14.31
C ARG A 898 35.36 0.57 -12.94
N ALA A 899 35.73 -0.59 -12.39
CA ALA A 899 35.24 -1.01 -11.08
C ALA A 899 35.45 0.05 -10.00
N ILE A 900 36.65 0.66 -9.96
CA ILE A 900 36.95 1.77 -9.04
C ILE A 900 36.09 3.02 -9.29
N GLU A 901 35.81 3.34 -10.56
CA GLU A 901 34.96 4.48 -10.89
C GLU A 901 33.47 4.17 -10.54
N GLU A 902 33.04 2.95 -10.86
CA GLU A 902 31.73 2.44 -10.44
C GLU A 902 31.56 2.53 -8.92
N PHE A 903 32.61 2.15 -8.20
CA PHE A 903 32.65 2.25 -6.74
C PHE A 903 32.61 3.67 -6.24
N THR A 904 33.33 4.56 -6.92
CA THR A 904 33.47 5.94 -6.45
C THR A 904 32.17 6.69 -6.63
N LEU A 905 31.60 6.61 -7.83
CA LEU A 905 30.31 7.22 -8.15
C LEU A 905 29.20 6.78 -7.18
N SER A 906 29.13 5.47 -6.91
CA SER A 906 28.10 4.93 -6.01
C SER A 906 28.36 5.27 -4.53
N CYS A 907 29.62 5.25 -4.10
CA CYS A 907 29.92 5.58 -2.71
C CYS A 907 29.40 7.00 -2.41
N ALA A 908 29.67 7.93 -3.32
CA ALA A 908 29.17 9.29 -3.25
C ALA A 908 27.65 9.35 -3.03
N GLY A 909 26.93 8.66 -3.93
CA GLY A 909 25.46 8.62 -3.93
C GLY A 909 24.86 8.09 -2.66
N TYR A 910 25.32 6.90 -2.25
CA TYR A 910 24.87 6.33 -0.98
C TYR A 910 25.42 7.06 0.27
N CYS A 911 26.54 7.77 0.14
CA CYS A 911 26.98 8.62 1.24
C CYS A 911 26.03 9.79 1.42
N VAL A 912 25.66 10.45 0.32
CA VAL A 912 24.76 11.60 0.39
C VAL A 912 23.31 11.18 0.75
N ALA A 913 22.77 10.20 0.00
CA ALA A 913 21.43 9.68 0.24
C ALA A 913 21.25 9.36 1.71
N THR A 914 22.15 8.53 2.26
CA THR A 914 21.98 8.08 3.64
C THR A 914 22.19 9.18 4.67
N TYR A 915 22.94 10.21 4.30
CA TYR A 915 23.11 11.40 5.18
C TYR A 915 21.80 12.23 5.22
N VAL A 916 21.22 12.42 4.03
CA VAL A 916 20.04 13.26 3.88
C VAL A 916 18.83 12.59 4.55
N LEU A 917 18.57 11.33 4.19
CA LEU A 917 17.52 10.55 4.84
C LEU A 917 17.83 10.20 6.30
N GLY A 918 19.07 10.37 6.73
CA GLY A 918 19.42 10.17 8.13
C GLY A 918 19.36 8.72 8.54
N ILE A 919 19.90 7.85 7.69
CA ILE A 919 19.80 6.41 7.89
C ILE A 919 20.94 5.91 8.77
N GLY A 920 20.61 5.37 9.94
CA GLY A 920 21.61 4.81 10.86
C GLY A 920 21.73 3.29 10.78
N ASP A 921 22.42 2.71 11.76
CA ASP A 921 22.58 1.25 11.90
C ASP A 921 23.32 0.60 10.72
N ARG A 922 24.16 1.39 10.05
CA ARG A 922 24.91 0.94 8.88
C ARG A 922 26.04 0.04 9.35
N HIS A 923 26.29 -1.04 8.60
CA HIS A 923 27.38 -1.95 8.89
C HIS A 923 27.66 -2.91 7.77
N SER A 924 28.79 -3.61 7.85
CA SER A 924 29.23 -4.62 6.87
C SER A 924 28.14 -5.63 6.45
N ASP A 925 27.28 -6.04 7.38
CA ASP A 925 26.17 -6.95 7.08
C ASP A 925 25.04 -6.33 6.24
N ASN A 926 25.02 -5.01 6.06
CA ASN A 926 23.94 -4.35 5.31
C ASN A 926 24.37 -3.33 4.24
N ILE A 927 25.68 -3.28 3.95
CA ILE A 927 26.22 -2.61 2.77
C ILE A 927 26.74 -3.72 1.87
N MET A 928 26.62 -3.53 0.56
CA MET A 928 26.76 -4.63 -0.37
C MET A 928 27.42 -4.14 -1.63
N ILE A 929 28.26 -4.98 -2.22
CA ILE A 929 29.10 -4.58 -3.36
C ILE A 929 28.79 -5.49 -4.52
N ARG A 930 28.71 -4.89 -5.71
CA ARG A 930 28.59 -5.62 -6.96
C ARG A 930 29.94 -5.84 -7.61
N GLU A 931 30.07 -6.95 -8.34
CA GLU A 931 31.28 -7.28 -9.09
C GLU A 931 31.60 -6.25 -10.17
N SER A 932 30.61 -5.50 -10.61
CA SER A 932 30.84 -4.32 -11.43
C SER A 932 31.64 -3.23 -10.71
N GLY A 933 31.69 -3.24 -9.38
CA GLY A 933 32.26 -2.16 -8.57
C GLY A 933 31.22 -1.40 -7.75
N GLN A 934 29.95 -1.44 -8.17
CA GLN A 934 28.91 -0.60 -7.55
C GLN A 934 28.63 -1.03 -6.12
N LEU A 935 28.59 -0.04 -5.24
CA LEU A 935 28.28 -0.27 -3.84
C LEU A 935 26.81 0.08 -3.65
N PHE A 936 26.11 -0.60 -2.76
CA PHE A 936 24.73 -0.22 -2.43
C PHE A 936 24.33 -0.74 -1.05
N HIS A 937 23.31 -0.12 -0.49
CA HIS A 937 22.79 -0.46 0.83
C HIS A 937 21.51 -1.26 0.74
N ILE A 938 21.32 -2.10 1.75
CA ILE A 938 20.11 -2.89 1.93
C ILE A 938 19.53 -2.67 3.32
N ASP A 939 18.28 -3.08 3.50
CA ASP A 939 17.72 -3.29 4.82
C ASP A 939 17.71 -1.97 5.62
N PHE A 940 16.97 -0.98 5.13
CA PHE A 940 16.91 0.35 5.75
C PHE A 940 15.93 0.30 6.92
N GLY A 941 16.43 -0.14 8.06
CA GLY A 941 15.60 -0.35 9.24
C GLY A 941 15.15 0.95 9.90
N HIS A 942 16.02 1.95 9.87
CA HIS A 942 15.84 3.20 10.59
C HIS A 942 16.26 4.37 9.74
N PHE A 943 15.59 5.51 9.92
CA PHE A 943 15.88 6.71 9.14
C PHE A 943 15.40 7.97 9.84
N LEU A 944 15.70 9.12 9.25
CA LEU A 944 15.48 10.43 9.91
C LEU A 944 16.10 10.53 11.32
N GLY A 945 17.27 9.92 11.50
CA GLY A 945 17.96 9.93 12.78
C GLY A 945 17.18 9.28 13.90
N ASN A 946 16.69 8.08 13.64
CA ASN A 946 16.04 7.25 14.65
C ASN A 946 16.93 6.04 14.96
N PHE A 947 16.91 5.59 16.22
CA PHE A 947 17.92 4.67 16.78
C PHE A 947 18.06 3.34 16.05
N GLU A 956 18.37 11.51 17.13
CA GLU A 956 19.65 12.24 17.14
C GLU A 956 20.28 12.33 15.74
N ARG A 957 21.00 13.42 15.49
CA ARG A 957 21.62 13.66 14.16
C ARG A 957 22.70 12.64 13.76
N VAL A 958 22.41 11.85 12.73
CA VAL A 958 23.38 10.97 12.06
C VAL A 958 24.47 11.80 11.33
N PRO A 959 25.76 11.67 11.70
CA PRO A 959 26.76 12.39 10.91
C PRO A 959 26.88 11.84 9.48
N PHE A 960 27.50 12.63 8.61
CA PHE A 960 27.97 12.13 7.32
C PHE A 960 29.12 11.16 7.63
N ILE A 961 29.28 10.12 6.78
CA ILE A 961 30.13 8.95 7.09
C ILE A 961 30.97 8.47 5.90
N LEU A 962 32.28 8.49 6.09
CA LEU A 962 33.26 7.92 5.16
C LEU A 962 33.97 6.79 5.90
N THR A 963 34.04 5.61 5.29
CA THR A 963 34.80 4.49 5.83
C THR A 963 36.21 4.58 5.26
N TYR A 964 37.21 4.19 6.05
CA TYR A 964 38.57 4.16 5.52
C TYR A 964 38.66 3.17 4.37
N ASP A 965 38.04 2.01 4.55
CA ASP A 965 37.92 0.99 3.49
C ASP A 965 37.50 1.58 2.15
N PHE A 966 36.50 2.47 2.17
CA PHE A 966 35.99 3.07 0.94
C PHE A 966 36.86 4.22 0.44
N VAL A 967 37.47 4.96 1.35
CA VAL A 967 38.49 5.95 0.98
C VAL A 967 39.70 5.27 0.33
N HIS A 968 40.06 4.09 0.84
CA HIS A 968 41.18 3.28 0.32
C HIS A 968 40.97 2.85 -1.10
N VAL A 969 39.76 2.35 -1.39
CA VAL A 969 39.40 1.88 -2.73
C VAL A 969 39.31 3.05 -3.72
N ILE A 970 38.61 4.11 -3.32
CA ILE A 970 38.55 5.35 -4.09
C ILE A 970 39.94 5.87 -4.48
N GLN A 971 40.89 5.81 -3.56
CA GLN A 971 42.27 6.25 -3.84
C GLN A 971 43.16 5.19 -4.54
N GLN A 972 42.53 4.10 -5.00
CA GLN A 972 43.20 3.02 -5.74
C GLN A 972 44.28 2.27 -4.93
N GLY A 973 44.18 2.33 -3.60
CA GLY A 973 45.16 1.70 -2.70
C GLY A 973 46.30 2.59 -2.20
N LYS A 974 46.35 3.84 -2.66
CA LYS A 974 47.34 4.81 -2.21
C LYS A 974 47.01 5.37 -0.81
N THR A 975 48.04 5.72 -0.04
CA THR A 975 47.89 6.49 1.20
C THR A 975 47.28 7.83 0.84
N ASN A 976 47.96 8.53 -0.08
CA ASN A 976 47.50 9.81 -0.61
C ASN A 976 47.31 9.77 -2.13
N ASN A 977 46.06 9.90 -2.56
CA ASN A 977 45.68 10.15 -3.95
C ASN A 977 44.75 11.35 -3.96
N SER A 978 45.36 12.53 -4.08
CA SER A 978 44.64 13.78 -3.94
C SER A 978 43.69 14.06 -5.09
N GLU A 979 44.05 13.62 -6.29
CA GLU A 979 43.34 13.99 -7.53
C GLU A 979 42.02 13.26 -7.61
N LYS A 980 42.07 11.95 -7.38
CA LYS A 980 40.89 11.11 -7.33
C LYS A 980 39.99 11.55 -6.20
N PHE A 981 40.54 11.63 -4.99
CA PHE A 981 39.72 11.98 -3.81
C PHE A 981 38.94 13.30 -3.95
N GLU A 982 39.47 14.27 -4.69
CA GLU A 982 38.77 15.54 -4.92
C GLU A 982 37.57 15.40 -5.89
N ARG A 983 37.73 14.59 -6.93
CA ARG A 983 36.63 14.23 -7.85
C ARG A 983 35.44 13.67 -7.06
N PHE A 984 35.79 12.77 -6.13
CA PHE A 984 34.85 12.15 -5.21
C PHE A 984 34.19 13.13 -4.27
N ARG A 985 34.95 14.11 -3.77
CA ARG A 985 34.36 15.21 -2.98
C ARG A 985 33.42 16.05 -3.85
N GLY A 986 33.76 16.24 -5.12
CA GLY A 986 32.92 17.00 -6.06
C GLY A 986 31.60 16.29 -6.29
N TYR A 987 31.68 14.98 -6.57
CA TYR A 987 30.51 14.14 -6.73
C TYR A 987 29.54 14.26 -5.54
N CYS A 988 30.06 14.07 -4.32
CA CYS A 988 29.28 14.28 -3.10
C CYS A 988 28.69 15.69 -3.02
N GLU A 989 29.46 16.70 -3.42
CA GLU A 989 28.97 18.07 -3.37
C GLU A 989 27.95 18.39 -4.46
N ARG A 990 28.15 17.83 -5.65
CA ARG A 990 27.19 17.98 -6.75
C ARG A 990 25.87 17.31 -6.35
N ALA A 991 25.98 16.09 -5.83
CA ALA A 991 24.86 15.34 -5.27
C ALA A 991 24.04 16.20 -4.31
N TYR A 992 24.60 16.47 -3.13
CA TYR A 992 23.94 17.27 -2.10
C TYR A 992 23.31 18.57 -2.65
N THR A 993 23.94 19.20 -3.64
CA THR A 993 23.44 20.47 -4.18
C THR A 993 22.13 20.30 -4.93
N ILE A 994 22.08 19.26 -5.76
CA ILE A 994 20.93 18.98 -6.64
C ILE A 994 19.69 18.65 -5.82
N LEU A 995 19.80 17.67 -4.91
CA LEU A 995 18.74 17.36 -3.95
C LEU A 995 18.21 18.61 -3.27
N ARG A 996 19.12 19.48 -2.87
CA ARG A 996 18.77 20.74 -2.22
C ARG A 996 17.87 21.62 -3.12
N ARG A 997 18.14 21.62 -4.42
CA ARG A 997 17.29 22.32 -5.39
C ARG A 997 15.84 21.82 -5.34
N HIS A 998 15.65 20.52 -5.01
CA HIS A 998 14.34 19.87 -4.94
C HIS A 998 13.95 19.49 -3.54
N GLY A 999 14.34 20.32 -2.58
CA GLY A 999 14.18 19.97 -1.17
C GLY A 999 12.73 20.03 -0.71
N LEU A 1000 12.00 20.99 -1.26
CA LEU A 1000 10.57 21.11 -1.01
C LEU A 1000 9.80 19.86 -1.51
N LEU A 1001 10.30 19.20 -2.56
CA LEU A 1001 9.64 17.97 -3.06
C LEU A 1001 9.70 16.89 -1.99
N PHE A 1002 10.87 16.71 -1.38
CA PHE A 1002 11.05 15.70 -0.33
C PHE A 1002 10.26 16.03 0.92
N LEU A 1003 10.16 17.29 1.31
CA LEU A 1003 9.35 17.62 2.48
C LEU A 1003 7.88 17.25 2.21
N HIS A 1004 7.38 17.67 1.05
CA HIS A 1004 5.99 17.43 0.66
C HIS A 1004 5.68 15.96 0.59
N LEU A 1005 6.49 15.20 -0.15
CA LEU A 1005 6.32 13.75 -0.24
C LEU A 1005 6.38 13.09 1.17
N PHE A 1006 7.32 13.54 2.00
CA PHE A 1006 7.42 13.02 3.37
C PHE A 1006 6.20 13.43 4.22
N ALA A 1007 5.77 14.68 4.11
CA ALA A 1007 4.59 15.15 4.86
C ALA A 1007 3.33 14.29 4.60
N LEU A 1008 3.12 13.91 3.33
CA LEU A 1008 2.00 13.05 2.95
C LEU A 1008 2.20 11.63 3.54
N MET A 1009 3.43 11.14 3.58
CA MET A 1009 3.71 9.79 4.16
C MET A 1009 3.40 9.61 5.64
N ARG A 1010 3.17 10.70 6.36
CA ARG A 1010 2.68 10.59 7.72
C ARG A 1010 1.35 9.81 7.80
N ALA A 1011 0.53 9.92 6.75
CA ALA A 1011 -0.66 9.07 6.54
C ALA A 1011 -0.42 7.57 6.76
N ALA A 1012 0.75 7.08 6.34
CA ALA A 1012 1.12 5.66 6.48
C ALA A 1012 1.25 5.11 7.90
N GLY A 1013 1.35 6.01 8.89
CA GLY A 1013 1.50 5.58 10.28
C GLY A 1013 2.77 4.77 10.56
N LEU A 1014 3.84 5.02 9.81
CA LEU A 1014 5.15 4.48 10.14
C LEU A 1014 5.60 5.13 11.45
N PRO A 1015 6.05 4.34 12.44
CA PRO A 1015 6.40 4.93 13.75
C PRO A 1015 7.49 6.02 13.69
N GLU A 1016 8.52 5.81 12.85
CA GLU A 1016 9.59 6.81 12.62
C GLU A 1016 9.25 7.92 11.61
N LEU A 1017 8.01 7.96 11.13
CA LEU A 1017 7.52 9.08 10.33
C LEU A 1017 6.09 9.45 10.79
N SER A 1018 6.01 10.07 11.96
CA SER A 1018 4.76 10.35 12.64
C SER A 1018 4.40 11.82 12.87
N CYS A 1019 5.34 12.75 12.68
CA CYS A 1019 5.14 14.14 13.14
C CYS A 1019 6.03 15.14 12.42
N SER A 1020 5.87 16.43 12.75
CA SER A 1020 6.69 17.53 12.20
C SER A 1020 8.21 17.41 12.42
N LYS A 1021 8.60 16.84 13.56
CA LYS A 1021 10.03 16.65 13.91
C LYS A 1021 10.76 15.69 12.96
N ASP A 1022 10.07 14.62 12.55
CA ASP A 1022 10.60 13.69 11.55
C ASP A 1022 10.80 14.38 10.20
N ILE A 1023 9.94 15.35 9.89
CA ILE A 1023 10.07 16.20 8.69
C ILE A 1023 11.17 17.23 8.94
N GLN A 1024 11.23 17.76 10.15
CA GLN A 1024 12.26 18.74 10.54
C GLN A 1024 13.67 18.24 10.20
N TYR A 1025 13.92 16.96 10.49
CA TYR A 1025 15.21 16.34 10.18
C TYR A 1025 15.65 16.65 8.76
N LEU A 1026 14.73 16.51 7.81
CA LEU A 1026 15.04 16.73 6.40
C LEU A 1026 15.40 18.16 6.07
N LYS A 1027 14.69 19.11 6.67
CA LYS A 1027 14.98 20.54 6.45
C LYS A 1027 16.43 20.83 6.85
N ASP A 1028 16.81 20.37 8.04
CA ASP A 1028 18.16 20.52 8.59
C ASP A 1028 19.20 19.75 7.78
N SER A 1029 18.90 18.49 7.46
CA SER A 1029 19.82 17.66 6.67
C SER A 1029 20.14 18.28 5.31
N LEU A 1030 19.16 18.97 4.71
CA LEU A 1030 19.35 19.70 3.45
C LEU A 1030 19.55 21.18 3.71
N ALA A 1031 19.46 21.61 4.97
CA ALA A 1031 19.79 22.97 5.34
C ALA A 1031 19.02 23.94 4.45
N LEU A 1032 17.71 23.77 4.40
CA LEU A 1032 16.85 24.65 3.59
C LEU A 1032 16.72 26.06 4.19
N GLY A 1033 16.82 26.17 5.51
CA GLY A 1033 16.81 27.45 6.21
C GLY A 1033 18.02 28.33 5.94
N LYS A 1034 19.13 27.72 5.53
CA LYS A 1034 20.35 28.43 5.12
C LYS A 1034 20.32 28.75 3.63
N THR A 1035 21.16 29.70 3.22
CA THR A 1035 21.35 30.03 1.80
C THR A 1035 22.16 28.92 1.14
N GLU A 1036 22.29 28.95 -0.18
CA GLU A 1036 22.93 27.83 -0.89
C GLU A 1036 24.40 27.68 -0.52
N GLU A 1037 25.15 28.77 -0.58
CA GLU A 1037 26.57 28.71 -0.28
C GLU A 1037 26.84 28.47 1.21
N GLU A 1038 26.01 29.05 2.09
CA GLU A 1038 26.08 28.78 3.55
C GLU A 1038 25.95 27.28 3.85
N ALA A 1039 24.95 26.66 3.24
CA ALA A 1039 24.68 25.23 3.43
C ALA A 1039 25.85 24.38 2.94
N LEU A 1040 26.35 24.72 1.77
CA LEU A 1040 27.45 24.01 1.13
C LEU A 1040 28.78 24.13 1.91
N LYS A 1041 28.93 25.18 2.70
CA LYS A 1041 30.04 25.25 3.66
C LYS A 1041 29.86 24.33 4.86
N HIS A 1042 28.62 24.17 5.32
CA HIS A 1042 28.34 23.24 6.43
C HIS A 1042 28.50 21.81 5.96
N PHE A 1043 28.11 21.51 4.72
CA PHE A 1043 28.37 20.17 4.16
C PHE A 1043 29.85 19.81 4.21
N ARG A 1044 30.70 20.75 3.78
CA ARG A 1044 32.16 20.55 3.77
C ARG A 1044 32.73 20.27 5.14
N VAL A 1045 32.26 21.00 6.15
CA VAL A 1045 32.73 20.80 7.53
C VAL A 1045 32.25 19.44 8.07
N LYS A 1046 31.00 19.08 7.77
CA LYS A 1046 30.49 17.73 8.04
C LYS A 1046 31.35 16.71 7.28
N PHE A 1047 31.48 16.90 5.96
CA PHE A 1047 32.34 16.07 5.08
C PHE A 1047 33.72 15.86 5.68
N ASN A 1048 34.41 16.97 5.95
CA ASN A 1048 35.79 16.98 6.43
C ASN A 1048 36.03 16.26 7.74
N GLU A 1049 35.16 16.50 8.72
CA GLU A 1049 35.28 15.82 10.01
C GLU A 1049 35.00 14.31 9.89
N ALA A 1050 34.15 13.91 8.93
CA ALA A 1050 34.02 12.48 8.54
C ALA A 1050 35.33 11.92 7.94
N LEU A 1051 36.02 12.73 7.13
CA LEU A 1051 37.36 12.36 6.65
C LEU A 1051 38.34 12.22 7.82
N ARG A 1052 38.27 13.14 8.77
CA ARG A 1052 39.09 13.07 9.98
C ARG A 1052 38.70 11.83 10.78
N GLU A 1053 37.44 11.75 11.18
CA GLU A 1053 36.89 10.64 11.97
C GLU A 1053 37.10 9.23 11.37
N SER A 1054 37.27 9.15 10.05
CA SER A 1054 37.50 7.86 9.36
C SER A 1054 38.73 7.07 9.84
N TRP A 1055 39.81 7.75 10.20
CA TRP A 1055 41.02 7.08 10.71
C TRP A 1055 40.83 6.49 12.09
N LYS A 1056 40.32 7.30 13.01
CA LYS A 1056 39.94 6.84 14.36
C LYS A 1056 38.49 6.36 14.39
N ASP B 11 16.77 14.99 45.39
CA ASP B 11 16.86 16.47 45.16
C ASP B 11 18.23 16.92 44.67
N ASN B 12 19.28 16.21 45.08
CA ASN B 12 20.59 16.31 44.42
C ASN B 12 20.54 15.68 43.01
N ILE B 13 21.46 16.08 42.14
CA ILE B 13 21.45 15.67 40.73
C ILE B 13 21.61 14.17 40.50
N GLU B 14 22.52 13.53 41.23
CA GLU B 14 22.71 12.09 41.12
C GLU B 14 21.48 11.32 41.60
N ALA B 15 20.82 11.84 42.64
CA ALA B 15 19.62 11.21 43.19
C ALA B 15 18.45 11.28 42.21
N VAL B 16 18.28 12.44 41.55
CA VAL B 16 17.22 12.62 40.53
C VAL B 16 17.55 11.84 39.25
N GLY B 17 18.83 11.78 38.89
CA GLY B 17 19.29 11.01 37.74
C GLY B 17 19.12 9.52 37.91
N LYS B 18 19.32 9.03 39.14
CA LYS B 18 19.03 7.64 39.49
C LYS B 18 17.54 7.34 39.34
N LYS B 19 16.70 8.27 39.79
CA LYS B 19 15.26 8.11 39.66
C LYS B 19 14.81 8.21 38.20
N LEU B 20 15.49 9.03 37.39
CA LEU B 20 15.28 9.02 35.94
C LEU B 20 15.65 7.68 35.31
N HIS B 21 16.66 6.98 35.82
CA HIS B 21 17.01 5.67 35.24
C HIS B 21 15.93 4.67 35.49
N GLU B 22 15.59 4.50 36.77
CA GLU B 22 14.50 3.63 37.22
C GLU B 22 13.20 3.88 36.45
N TYR B 23 12.78 5.14 36.40
CA TYR B 23 11.54 5.50 35.76
C TYR B 23 11.56 5.24 34.24
N ASN B 24 12.72 5.36 33.61
CA ASN B 24 12.87 5.03 32.19
C ASN B 24 12.76 3.52 31.93
N THR B 25 13.36 2.73 32.82
CA THR B 25 13.31 1.27 32.74
C THR B 25 11.90 0.74 32.96
N GLN B 26 11.20 1.34 33.92
CA GLN B 26 9.78 1.05 34.14
C GLN B 26 8.91 1.43 32.95
N PHE B 27 9.25 2.52 32.26
CA PHE B 27 8.50 2.95 31.06
C PHE B 27 8.73 2.04 29.87
N GLN B 28 10.00 1.71 29.59
CA GLN B 28 10.36 0.84 28.44
C GLN B 28 9.75 -0.55 28.60
N GLU B 29 9.75 -1.06 29.83
CA GLU B 29 9.14 -2.37 30.12
C GLU B 29 7.60 -2.32 30.04
N LYS B 30 7.01 -1.27 30.60
CA LYS B 30 5.56 -1.05 30.48
C LYS B 30 5.15 -0.91 29.02
N SER B 31 5.95 -0.18 28.22
CA SER B 31 5.73 -0.12 26.77
C SER B 31 5.81 -1.47 26.08
N ARG B 32 6.82 -2.27 26.44
CA ARG B 32 6.98 -3.65 25.93
C ARG B 32 5.78 -4.55 26.22
N GLU B 33 5.18 -4.37 27.40
CA GLU B 33 4.00 -5.13 27.80
C GLU B 33 2.81 -4.74 26.90
N TYR B 34 2.45 -3.46 26.91
CA TYR B 34 1.41 -2.94 26.02
C TYR B 34 1.58 -3.37 24.56
N ASP B 35 2.79 -3.25 24.03
CA ASP B 35 3.12 -3.67 22.65
C ASP B 35 2.79 -5.15 22.40
N ARG B 36 3.03 -6.00 23.40
CA ARG B 36 2.71 -7.43 23.34
C ARG B 36 1.19 -7.65 23.34
N LEU B 37 0.48 -6.91 24.19
CA LEU B 37 -0.97 -6.96 24.26
C LEU B 37 -1.61 -6.44 22.96
N TYR B 38 -1.07 -5.36 22.42
CA TYR B 38 -1.57 -4.81 21.16
C TYR B 38 -1.37 -5.75 19.95
N GLU B 39 -0.33 -6.56 19.98
N GLU B 39 -0.32 -6.55 19.98
CA GLU B 39 -0.16 -7.62 19.01
CA GLU B 39 -0.14 -7.63 19.01
C GLU B 39 -1.32 -8.61 19.12
C GLU B 39 -1.31 -8.61 19.12
N ASP B 40 -1.60 -9.05 20.35
CA ASP B 40 -2.70 -9.98 20.63
C ASP B 40 -4.06 -9.39 20.24
N TYR B 41 -4.32 -8.13 20.61
CA TYR B 41 -5.50 -7.40 20.16
C TYR B 41 -5.65 -7.46 18.63
N THR B 42 -4.58 -7.16 17.89
CA THR B 42 -4.68 -7.14 16.40
C THR B 42 -4.90 -8.54 15.84
N ARG B 43 -4.08 -9.48 16.29
CA ARG B 43 -4.16 -10.88 15.88
C ARG B 43 -5.58 -11.43 16.14
N THR B 44 -6.10 -11.17 17.34
CA THR B 44 -7.43 -11.64 17.72
C THR B 44 -8.50 -10.99 16.82
N SER B 45 -8.32 -9.71 16.47
CA SER B 45 -9.22 -9.05 15.52
C SER B 45 -9.22 -9.68 14.12
N GLN B 46 -8.06 -10.11 13.61
CA GLN B 46 -7.98 -10.81 12.31
C GLN B 46 -8.63 -12.20 12.36
N GLU B 47 -8.37 -12.93 13.45
CA GLU B 47 -8.94 -14.26 13.66
C GLU B 47 -10.47 -14.27 13.76
N ILE B 48 -11.01 -13.29 14.47
CA ILE B 48 -12.46 -13.13 14.64
C ILE B 48 -13.17 -12.73 13.35
N GLN B 49 -12.58 -11.81 12.58
CA GLN B 49 -13.10 -11.51 11.25
C GLN B 49 -13.16 -12.78 10.38
N MET B 50 -12.04 -13.50 10.37
CA MET B 50 -11.93 -14.82 9.74
C MET B 50 -13.04 -15.81 10.17
N LYS B 51 -13.33 -15.83 11.47
CA LYS B 51 -14.33 -16.72 12.02
C LYS B 51 -15.73 -16.28 11.61
N ARG B 52 -16.01 -14.98 11.73
CA ARG B 52 -17.30 -14.43 11.31
C ARG B 52 -17.60 -14.63 9.80
N THR B 53 -16.57 -14.69 8.97
CA THR B 53 -16.74 -14.96 7.53
C THR B 53 -16.72 -16.46 7.17
N ALA B 54 -16.08 -17.29 7.99
CA ALA B 54 -16.17 -18.75 7.86
C ALA B 54 -17.58 -19.22 8.26
N ILE B 55 -18.17 -18.55 9.25
CA ILE B 55 -19.55 -18.74 9.64
C ILE B 55 -20.50 -18.34 8.51
N GLU B 56 -20.25 -17.21 7.85
CA GLU B 56 -20.99 -16.88 6.62
C GLU B 56 -20.85 -18.02 5.60
N ALA B 57 -19.63 -18.55 5.46
CA ALA B 57 -19.36 -19.70 4.58
C ALA B 57 -20.18 -20.94 4.98
N PHE B 58 -20.41 -21.13 6.27
CA PHE B 58 -21.30 -22.20 6.76
C PHE B 58 -22.77 -21.93 6.41
N ASN B 59 -23.20 -20.67 6.53
CA ASN B 59 -24.58 -20.26 6.18
C ASN B 59 -24.87 -20.56 4.72
N GLU B 60 -23.92 -20.18 3.89
CA GLU B 60 -24.08 -20.23 2.46
C GLU B 60 -24.07 -21.69 1.99
N THR B 61 -23.29 -22.53 2.66
CA THR B 61 -23.23 -23.95 2.31
C THR B 61 -24.57 -24.59 2.66
N ILE B 62 -25.00 -24.38 3.89
CA ILE B 62 -26.28 -24.89 4.37
C ILE B 62 -27.47 -24.38 3.52
N LYS B 63 -27.39 -23.15 2.99
CA LYS B 63 -28.40 -22.66 2.05
C LYS B 63 -28.41 -23.56 0.81
N ILE B 64 -27.22 -23.85 0.30
CA ILE B 64 -27.04 -24.75 -0.84
C ILE B 64 -27.65 -26.15 -0.57
N PHE B 65 -27.54 -26.64 0.66
CA PHE B 65 -28.07 -27.96 1.00
C PHE B 65 -29.61 -27.95 1.15
N GLU B 66 -30.16 -26.81 1.52
CA GLU B 66 -31.61 -26.70 1.70
C GLU B 66 -32.33 -26.40 0.39
N GLU B 67 -31.68 -25.72 -0.55
CA GLU B 67 -32.18 -25.64 -1.94
C GLU B 67 -32.19 -27.02 -2.57
N GLN B 68 -31.17 -27.82 -2.26
CA GLN B 68 -31.12 -29.21 -2.68
C GLN B 68 -32.32 -30.00 -2.11
N CYS B 69 -32.63 -29.79 -0.83
CA CYS B 69 -33.74 -30.48 -0.21
C CYS B 69 -35.07 -30.08 -0.83
N GLN B 70 -35.22 -28.78 -1.09
CA GLN B 70 -36.40 -28.25 -1.76
C GLN B 70 -36.58 -28.97 -3.11
N THR B 71 -35.50 -29.02 -3.90
CA THR B 71 -35.51 -29.69 -5.21
C THR B 71 -35.85 -31.18 -5.10
N GLN B 72 -35.27 -31.84 -4.09
CA GLN B 72 -35.50 -33.27 -3.87
C GLN B 72 -36.97 -33.58 -3.64
N GLU B 73 -37.70 -32.68 -3.00
CA GLU B 73 -39.11 -32.88 -2.75
C GLU B 73 -39.95 -32.56 -4.00
N ARG B 74 -39.72 -31.39 -4.60
CA ARG B 74 -40.44 -30.99 -5.81
C ARG B 74 -40.13 -31.91 -7.00
N TYR B 75 -38.86 -32.20 -7.21
CA TYR B 75 -38.46 -33.08 -8.31
C TYR B 75 -38.90 -34.53 -8.08
N SER B 76 -39.02 -34.97 -6.83
CA SER B 76 -39.38 -36.38 -6.54
C SER B 76 -40.88 -36.59 -6.58
N LYS B 77 -41.64 -35.74 -5.88
CA LYS B 77 -43.11 -35.81 -5.80
C LYS B 77 -43.75 -35.92 -7.19
N GLU B 78 -43.47 -34.95 -8.06
CA GLU B 78 -43.93 -34.94 -9.47
C GLU B 78 -43.53 -36.20 -10.28
N TYR B 79 -42.43 -36.82 -9.89
CA TYR B 79 -41.88 -37.99 -10.57
C TYR B 79 -42.44 -39.35 -10.08
N ILE B 80 -42.62 -39.50 -8.77
CA ILE B 80 -42.55 -40.84 -8.12
C ILE B 80 -43.80 -41.75 -8.22
N GLU B 81 -44.85 -41.27 -8.89
CA GLU B 81 -46.00 -42.13 -9.21
C GLU B 81 -45.61 -43.32 -10.07
N LYS B 82 -44.67 -43.09 -11.00
CA LYS B 82 -44.12 -44.12 -11.88
C LYS B 82 -43.11 -44.99 -11.11
N THR B 90 -39.74 -49.70 -6.11
CA THR B 90 -38.38 -50.06 -5.66
C THR B 90 -37.27 -48.97 -5.94
N GLU B 91 -37.40 -48.25 -7.05
CA GLU B 91 -36.69 -46.96 -7.25
C GLU B 91 -37.00 -45.97 -6.11
N ILE B 92 -38.24 -46.06 -5.61
CA ILE B 92 -38.73 -45.19 -4.54
C ILE B 92 -37.78 -45.32 -3.35
N GLN B 93 -37.51 -46.56 -2.95
CA GLN B 93 -36.66 -46.87 -1.79
C GLN B 93 -35.25 -46.30 -1.90
N ARG B 94 -34.70 -46.32 -3.12
CA ARG B 94 -33.37 -45.74 -3.40
C ARG B 94 -33.36 -44.22 -3.33
N ILE B 95 -34.36 -43.59 -3.95
CA ILE B 95 -34.55 -42.14 -3.88
C ILE B 95 -34.69 -41.67 -2.45
N MET B 96 -35.56 -42.33 -1.68
CA MET B 96 -35.84 -41.88 -0.32
C MET B 96 -34.66 -42.08 0.61
N HIS B 97 -33.93 -43.18 0.46
CA HIS B 97 -32.72 -43.38 1.27
C HIS B 97 -31.62 -42.42 0.88
N ASN B 98 -31.51 -42.10 -0.41
CA ASN B 98 -30.59 -41.08 -0.90
C ASN B 98 -30.87 -39.70 -0.29
N TYR B 99 -32.16 -39.37 -0.18
CA TYR B 99 -32.60 -38.15 0.48
C TYR B 99 -32.30 -38.21 1.97
N GLU B 100 -32.46 -39.37 2.58
CA GLU B 100 -32.15 -39.51 4.01
C GLU B 100 -30.66 -39.34 4.27
N LYS B 101 -29.85 -39.84 3.34
CA LYS B 101 -28.41 -39.70 3.40
C LYS B 101 -28.01 -38.21 3.23
N LEU B 102 -28.71 -37.49 2.35
CA LEU B 102 -28.53 -36.03 2.19
C LEU B 102 -28.84 -35.31 3.48
N LYS B 103 -30.05 -35.48 3.98
CA LYS B 103 -30.49 -34.85 5.25
C LYS B 103 -29.53 -35.14 6.38
N SER B 104 -28.96 -36.34 6.40
CA SER B 104 -27.98 -36.73 7.43
C SER B 104 -26.68 -35.90 7.37
N ARG B 105 -26.21 -35.62 6.16
CA ARG B 105 -25.00 -34.83 5.98
C ARG B 105 -25.19 -33.38 6.40
N ILE B 106 -26.37 -32.81 6.16
CA ILE B 106 -26.65 -31.44 6.60
C ILE B 106 -26.41 -31.33 8.11
N SER B 107 -26.85 -32.34 8.86
CA SER B 107 -26.70 -32.32 10.33
C SER B 107 -25.26 -32.32 10.82
N GLU B 108 -24.36 -32.90 10.03
CA GLU B 108 -22.92 -32.80 10.29
C GLU B 108 -22.45 -31.35 10.08
N ILE B 109 -22.86 -30.77 8.96
CA ILE B 109 -22.53 -29.38 8.64
C ILE B 109 -23.16 -28.37 9.61
N VAL B 110 -24.35 -28.67 10.15
CA VAL B 110 -24.96 -27.81 11.18
C VAL B 110 -24.15 -27.87 12.48
N ASP B 111 -23.77 -29.08 12.86
CA ASP B 111 -23.00 -29.34 14.08
C ASP B 111 -21.65 -28.62 14.05
N SER B 112 -20.97 -28.71 12.90
CA SER B 112 -19.69 -28.05 12.68
C SER B 112 -19.81 -26.54 12.73
N ARG B 113 -20.86 -26.00 12.12
CA ARG B 113 -21.13 -24.56 12.21
C ARG B 113 -21.32 -24.14 13.68
N ARG B 114 -22.11 -24.93 14.40
CA ARG B 114 -22.36 -24.71 15.81
C ARG B 114 -21.05 -24.67 16.63
N ARG B 115 -20.07 -25.54 16.30
CA ARG B 115 -18.77 -25.57 17.01
C ARG B 115 -17.97 -24.29 16.83
N LEU B 116 -17.96 -23.77 15.61
CA LEU B 116 -17.29 -22.51 15.28
C LEU B 116 -17.93 -21.36 16.02
N GLU B 117 -19.25 -21.20 15.94
CA GLU B 117 -20.00 -20.20 16.73
C GLU B 117 -19.57 -20.16 18.19
N GLU B 118 -19.34 -21.34 18.77
CA GLU B 118 -18.86 -21.46 20.14
C GLU B 118 -17.42 -20.99 20.32
N ASP B 119 -16.55 -21.23 19.34
CA ASP B 119 -15.17 -20.70 19.40
C ASP B 119 -15.17 -19.17 19.29
N LEU B 120 -15.91 -18.65 18.31
CA LEU B 120 -16.05 -17.19 18.11
C LEU B 120 -16.59 -16.48 19.35
N LYS B 121 -17.48 -17.15 20.07
CA LYS B 121 -17.99 -16.63 21.34
C LYS B 121 -16.87 -16.62 22.38
N LYS B 122 -16.10 -17.70 22.45
CA LYS B 122 -14.97 -17.79 23.38
C LYS B 122 -13.87 -16.79 23.03
N GLN B 123 -13.57 -16.63 21.74
CA GLN B 123 -12.57 -15.67 21.29
C GLN B 123 -13.05 -14.22 21.40
N ALA B 124 -14.36 -13.99 21.31
CA ALA B 124 -14.93 -12.66 21.55
C ALA B 124 -14.68 -12.22 23.00
N ALA B 125 -14.76 -13.18 23.94
CA ALA B 125 -14.49 -12.97 25.38
C ALA B 125 -13.01 -12.69 25.63
N GLU B 126 -12.14 -13.32 24.84
CA GLU B 126 -10.71 -13.05 24.88
C GLU B 126 -10.44 -11.63 24.38
N TYR B 127 -10.97 -11.29 23.19
CA TYR B 127 -10.85 -9.92 22.64
C TYR B 127 -11.25 -8.89 23.70
N ARG B 128 -12.43 -9.09 24.25
CA ARG B 128 -13.00 -8.32 25.36
C ARG B 128 -12.01 -8.08 26.52
N GLU B 129 -11.34 -9.16 26.94
CA GLU B 129 -10.38 -9.15 28.04
C GLU B 129 -9.01 -8.49 27.68
N ILE B 130 -8.50 -8.76 26.48
CA ILE B 130 -7.30 -8.10 25.96
C ILE B 130 -7.47 -6.58 26.04
N ASP B 131 -8.55 -6.08 25.43
CA ASP B 131 -8.92 -4.66 25.44
C ASP B 131 -9.10 -4.08 26.83
N LYS B 132 -9.55 -4.90 27.78
CA LYS B 132 -9.69 -4.44 29.17
C LYS B 132 -8.33 -4.36 29.84
N ARG B 133 -7.46 -5.32 29.56
CA ARG B 133 -6.11 -5.31 30.11
C ARG B 133 -5.29 -4.16 29.54
N MET B 134 -5.51 -3.80 28.27
CA MET B 134 -4.89 -2.62 27.67
C MET B 134 -5.35 -1.36 28.38
N ASN B 135 -6.65 -1.24 28.64
CA ASN B 135 -7.19 -0.01 29.21
C ASN B 135 -6.87 0.24 30.69
N SER B 136 -6.30 -0.75 31.37
CA SER B 136 -5.78 -0.54 32.73
C SER B 136 -4.27 -0.32 32.75
N ILE B 137 -3.58 -0.60 31.64
CA ILE B 137 -2.16 -0.28 31.49
C ILE B 137 -1.91 1.16 31.05
N LYS B 138 -2.75 1.67 30.15
CA LYS B 138 -2.64 3.04 29.62
C LYS B 138 -2.41 4.15 30.67
N PRO B 139 -3.13 4.12 31.80
CA PRO B 139 -2.80 5.10 32.85
C PRO B 139 -1.37 5.00 33.36
N ASP B 140 -0.90 3.77 33.63
CA ASP B 140 0.47 3.57 34.15
C ASP B 140 1.49 4.04 33.12
N LEU B 141 1.33 3.55 31.90
CA LEU B 141 2.15 3.91 30.76
C LEU B 141 2.22 5.41 30.52
N ILE B 142 1.08 6.10 30.57
CA ILE B 142 1.04 7.55 30.29
C ILE B 142 1.65 8.34 31.45
N GLN B 143 1.40 7.86 32.68
CA GLN B 143 1.99 8.47 33.88
C GLN B 143 3.50 8.29 33.94
N LEU B 144 4.00 7.15 33.46
CA LEU B 144 5.44 6.91 33.40
C LEU B 144 6.13 7.69 32.29
N ARG B 145 5.49 7.88 31.14
CA ARG B 145 6.04 8.77 30.13
C ARG B 145 6.21 10.18 30.69
N LYS B 146 5.17 10.70 31.33
CA LYS B 146 5.20 12.08 31.84
C LYS B 146 6.24 12.31 32.94
N THR B 147 6.33 11.37 33.88
CA THR B 147 7.29 11.44 34.96
C THR B 147 8.72 11.42 34.41
N ARG B 148 9.02 10.41 33.60
CA ARG B 148 10.27 10.32 32.85
C ARG B 148 10.63 11.67 32.22
N ASP B 149 9.68 12.27 31.51
CA ASP B 149 9.91 13.56 30.86
C ASP B 149 10.12 14.71 31.84
N GLN B 150 9.41 14.70 32.97
CA GLN B 150 9.54 15.75 33.99
C GLN B 150 10.93 15.73 34.65
N TYR B 151 11.46 14.53 34.89
CA TYR B 151 12.81 14.37 35.41
C TYR B 151 13.84 14.79 34.35
N LEU B 152 13.59 14.47 33.09
CA LEU B 152 14.47 14.91 31.99
C LEU B 152 14.59 16.42 31.86
N MET B 153 13.46 17.11 31.97
CA MET B 153 13.46 18.55 31.83
C MET B 153 14.12 19.19 33.04
N TRP B 154 13.76 18.70 34.23
CA TRP B 154 14.39 19.15 35.49
C TRP B 154 15.89 19.12 35.43
N LEU B 155 16.46 18.04 34.91
CA LEU B 155 17.91 17.92 34.81
C LEU B 155 18.49 18.82 33.72
N THR B 156 17.83 18.88 32.56
CA THR B 156 18.22 19.80 31.47
C THR B 156 18.27 21.26 31.95
N GLN B 157 17.31 21.64 32.78
CA GLN B 157 17.32 22.97 33.41
C GLN B 157 18.50 23.17 34.36
N LYS B 158 18.78 22.15 35.16
CA LYS B 158 19.87 22.19 36.12
C LYS B 158 21.26 22.23 35.48
N GLY B 159 21.31 21.97 34.17
CA GLY B 159 22.53 22.14 33.39
C GLY B 159 23.23 20.84 33.08
N VAL B 160 22.54 19.71 33.34
CA VAL B 160 23.17 18.40 33.26
C VAL B 160 23.41 18.06 31.79
N ARG B 161 24.62 17.56 31.54
CA ARG B 161 25.19 17.45 30.21
C ARG B 161 24.55 16.27 29.52
N GLN B 162 24.43 16.34 28.20
CA GLN B 162 23.76 15.32 27.38
C GLN B 162 24.32 13.89 27.54
N LYS B 163 25.64 13.78 27.71
CA LYS B 163 26.34 12.50 28.02
C LYS B 163 25.75 11.80 29.25
N LYS B 164 25.48 12.56 30.29
CA LYS B 164 25.03 12.02 31.56
C LYS B 164 23.56 11.58 31.43
N LEU B 165 22.76 12.39 30.75
CA LEU B 165 21.36 12.05 30.48
C LEU B 165 21.25 10.76 29.63
N ASN B 166 22.13 10.62 28.64
CA ASN B 166 22.16 9.41 27.81
C ASN B 166 22.36 8.15 28.66
N GLU B 167 23.39 8.17 29.50
CA GLU B 167 23.72 6.98 30.32
C GLU B 167 22.68 6.60 31.37
N TRP B 168 21.80 7.54 31.75
CA TRP B 168 20.68 7.21 32.63
C TRP B 168 19.57 6.56 31.87
N LEU B 169 19.33 7.02 30.64
CA LEU B 169 18.28 6.42 29.81
C LEU B 169 18.70 5.01 29.32
N GLY B 170 17.99 3.99 29.79
CA GLY B 170 18.27 2.59 29.44
C GLY B 170 19.52 2.05 30.12
C1 EO5 C . 15.11 -10.29 2.34
C6 EO5 C . 17.13 -7.93 2.30
C7 EO5 C . 17.65 -8.16 1.06
C8 EO5 C . 17.71 -7.16 0.13
C12 EO5 C . 16.63 -6.68 2.66
C16 EO5 C . 19.39 -8.44 -2.94
C18 EO5 C . 21.08 -9.99 -2.92
C24 EO5 C . 21.22 -9.98 2.68
C30 EO5 C . 18.49 -15.29 1.31
C31 EO5 C . 18.80 -16.75 1.09
C32 EO5 C . 19.35 -14.23 1.20
C33 EO5 C . 20.77 -14.12 0.84
C36 EO5 C . 22.68 -12.78 0.48
C37 EO5 C . 23.65 -12.92 1.46
C38 EO5 C . 24.99 -12.82 1.11
C39 EO5 C . 25.33 -12.58 -0.21
C40 EO5 C . 24.36 -12.44 -1.20
S2 EO5 C . 16.09 -9.87 3.80
O3 EO5 C . 15.54 -8.85 4.64
O4 EO5 C . 16.78 -11.00 4.30
N5 EO5 C . 17.29 -9.06 3.09
C9 EO5 C . 17.19 -5.90 0.44
C10 EO5 C . 16.65 -5.65 1.70
O11 EO5 C . 16.16 -4.39 1.95
C13 EO5 C . 18.25 -7.52 -1.20
C14 EO5 C . 17.77 -7.02 -2.35
N15 EO5 C . 18.45 -7.57 -3.39
N17 EO5 C . 20.27 -9.21 -3.59
N19 EO5 C . 21.08 -10.04 -1.61
C20 EO5 C . 20.24 -9.33 -0.87
N21 EO5 C . 20.34 -9.42 0.51
C22 EO5 C . 21.17 -10.39 1.20
C25 EO5 C . 20.57 -11.75 1.13
N26 EO5 C . 19.31 -11.84 1.45
N27 EO5 C . 18.66 -13.07 1.48
C28 EO5 C . 17.39 -13.40 1.79
C29 EO5 C . 17.26 -14.75 1.68
O34 EO5 C . 21.43 -15.11 0.58
N35 EO5 C . 21.33 -12.87 0.81
C41 EO5 C . 23.03 -12.54 -0.85
C42 EO5 C . 19.33 -8.46 -1.54
#